data_1PIQ
# 
_entry.id   1PIQ 
# 
_audit_conform.dict_name       mmcif_pdbx.dic 
_audit_conform.dict_version    5.398 
_audit_conform.dict_location   http://mmcif.pdb.org/dictionaries/ascii/mmcif_pdbx.dic 
# 
loop_
_database_2.database_id 
_database_2.database_code 
_database_2.pdbx_database_accession 
_database_2.pdbx_DOI 
PDB   1PIQ         pdb_00001piq 10.2210/pdb1piq/pdb 
RCSB  RCSB008372   ?            ?                   
WWPDB D_1000008372 ?            ?                   
# 
loop_
_pdbx_audit_revision_history.ordinal 
_pdbx_audit_revision_history.data_content_type 
_pdbx_audit_revision_history.major_revision 
_pdbx_audit_revision_history.minor_revision 
_pdbx_audit_revision_history.revision_date 
1 'Structure model' 1 0 1998-09-30 
2 'Structure model' 1 1 2007-10-16 
3 'Structure model' 1 2 2011-07-13 
4 'Structure model' 1 3 2021-11-03 
5 'Structure model' 1 4 2024-10-30 
# 
_pdbx_audit_revision_details.ordinal             1 
_pdbx_audit_revision_details.revision_ordinal    1 
_pdbx_audit_revision_details.data_content_type   'Structure model' 
_pdbx_audit_revision_details.provider            repository 
_pdbx_audit_revision_details.type                'Initial release' 
_pdbx_audit_revision_details.description         ? 
_pdbx_audit_revision_details.details             ? 
# 
loop_
_pdbx_audit_revision_group.ordinal 
_pdbx_audit_revision_group.revision_ordinal 
_pdbx_audit_revision_group.data_content_type 
_pdbx_audit_revision_group.group 
1 2 'Structure model' 'Version format compliance' 
2 3 'Structure model' 'Derived calculations'      
3 3 'Structure model' 'Version format compliance' 
4 4 'Structure model' 'Database references'       
5 4 'Structure model' 'Derived calculations'      
6 5 'Structure model' 'Data collection'           
7 5 'Structure model' 'Structure summary'         
# 
loop_
_pdbx_audit_revision_category.ordinal 
_pdbx_audit_revision_category.revision_ordinal 
_pdbx_audit_revision_category.data_content_type 
_pdbx_audit_revision_category.category 
1 4 'Structure model' database_2                
2 4 'Structure model' struct_conn               
3 4 'Structure model' struct_ref_seq_dif        
4 4 'Structure model' struct_site               
5 5 'Structure model' chem_comp_atom            
6 5 'Structure model' chem_comp_bond            
7 5 'Structure model' pdbx_entry_details        
8 5 'Structure model' pdbx_modification_feature 
# 
loop_
_pdbx_audit_revision_item.ordinal 
_pdbx_audit_revision_item.revision_ordinal 
_pdbx_audit_revision_item.data_content_type 
_pdbx_audit_revision_item.item 
1 4 'Structure model' '_database_2.pdbx_DOI'                         
2 4 'Structure model' '_database_2.pdbx_database_accession'          
3 4 'Structure model' '_struct_conn.pdbx_leaving_atom_flag'          
4 4 'Structure model' '_struct_ref_seq_dif.details'                  
5 4 'Structure model' '_struct_site.pdbx_auth_asym_id'               
6 4 'Structure model' '_struct_site.pdbx_auth_comp_id'               
7 4 'Structure model' '_struct_site.pdbx_auth_seq_id'                
8 5 'Structure model' '_pdbx_entry_details.has_protein_modification' 
# 
_pdbx_database_status.status_code                     REL 
_pdbx_database_status.entry_id                        1PIQ 
_pdbx_database_status.recvd_initial_deposition_date   1998-09-25 
_pdbx_database_status.deposit_site                    BNL 
_pdbx_database_status.process_site                    RCSB 
_pdbx_database_status.SG_entry                        . 
_pdbx_database_status.pdb_format_compatible           Y 
_pdbx_database_status.status_code_mr                  ? 
_pdbx_database_status.status_code_sf                  ? 
_pdbx_database_status.status_code_cs                  ? 
_pdbx_database_status.status_code_nmr_data            ? 
_pdbx_database_status.methods_development_category    ? 
# 
loop_
_audit_author.name 
_audit_author.pdbx_ordinal 
'Eckert, D.M.'       1 
'Malashkevich, V.N.' 2 
'Kim, P.S.'          3 
# 
_citation.id                        primary 
_citation.title                     'Crystal structure of GCN4-pIQI, a trimeric coiled coil with buried polar residues.' 
_citation.journal_abbrev            J.Mol.Biol. 
_citation.journal_volume            284 
_citation.page_first                859 
_citation.page_last                 865 
_citation.year                      1998 
_citation.journal_id_ASTM           JMOBAK 
_citation.country                   UK 
_citation.journal_id_ISSN           0022-2836 
_citation.journal_id_CSD            0070 
_citation.book_publisher            ? 
_citation.pdbx_database_id_PubMed   9837709 
_citation.pdbx_database_id_DOI      10.1006/jmbi.1998.2214 
# 
loop_
_citation_author.citation_id 
_citation_author.name 
_citation_author.ordinal 
_citation_author.identifier_ORCID 
primary 'Eckert, D.M.'       1 ? 
primary 'Malashkevich, V.N.' 2 ? 
primary 'Kim, P.S.'          3 ? 
# 
loop_
_entity.id 
_entity.type 
_entity.src_method 
_entity.pdbx_description 
_entity.formula_weight 
_entity.pdbx_number_of_molecules 
_entity.pdbx_ec 
_entity.pdbx_mutation 
_entity.pdbx_fragment 
_entity.details 
1 polymer     syn 'PROTEIN (GENERAL CONTROL PROTEIN GCN4-PIQ)' 3801.501 1  ? 'L5I, V9I, L12I, N16Q, L19I, V23I, L26I, V30I' 
'COILED-COIL DOMAIN' 'GCN4 LEUCINE ZIPPER CORE MUTANT REPLACED ILE 16 IN GCN4-PII WITH GLN' 
2 non-polymer syn 'CHLORIDE ION'                               35.453   1  ? ?                                              ? ? 
3 water       nat water                                        18.015   47 ? ?                                              ? ? 
# 
_entity_poly.entity_id                      1 
_entity_poly.type                           'polypeptide(L)' 
_entity_poly.nstd_linkage                   no 
_entity_poly.nstd_monomer                   yes 
_entity_poly.pdbx_seq_one_letter_code       '(ACE)RMKQIEDKIEEILSKQYHIENEIARIKKLIG' 
_entity_poly.pdbx_seq_one_letter_code_can   XRMKQIEDKIEEILSKQYHIENEIARIKKLIG 
_entity_poly.pdbx_strand_id                 A 
_entity_poly.pdbx_target_identifier         ? 
# 
loop_
_pdbx_entity_nonpoly.entity_id 
_pdbx_entity_nonpoly.name 
_pdbx_entity_nonpoly.comp_id 
2 'CHLORIDE ION' CL  
3 water          HOH 
# 
loop_
_entity_poly_seq.entity_id 
_entity_poly_seq.num 
_entity_poly_seq.mon_id 
_entity_poly_seq.hetero 
1 1  ACE n 
1 2  ARG n 
1 3  MET n 
1 4  LYS n 
1 5  GLN n 
1 6  ILE n 
1 7  GLU n 
1 8  ASP n 
1 9  LYS n 
1 10 ILE n 
1 11 GLU n 
1 12 GLU n 
1 13 ILE n 
1 14 LEU n 
1 15 SER n 
1 16 LYS n 
1 17 GLN n 
1 18 TYR n 
1 19 HIS n 
1 20 ILE n 
1 21 GLU n 
1 22 ASN n 
1 23 GLU n 
1 24 ILE n 
1 25 ALA n 
1 26 ARG n 
1 27 ILE n 
1 28 LYS n 
1 29 LYS n 
1 30 LEU n 
1 31 ILE n 
1 32 GLY n 
# 
_pdbx_entity_src_syn.entity_id              1 
_pdbx_entity_src_syn.pdbx_src_id            1 
_pdbx_entity_src_syn.pdbx_alt_source_flag   sample 
_pdbx_entity_src_syn.pdbx_beg_seq_num       ? 
_pdbx_entity_src_syn.pdbx_end_seq_num       ? 
_pdbx_entity_src_syn.organism_scientific    ? 
_pdbx_entity_src_syn.organism_common_name   ? 
_pdbx_entity_src_syn.ncbi_taxonomy_id       ? 
_pdbx_entity_src_syn.details                'THE PROTEIN WAS CHEMICALLY SYNTHESIZED' 
# 
loop_
_chem_comp.id 
_chem_comp.type 
_chem_comp.mon_nstd_flag 
_chem_comp.name 
_chem_comp.pdbx_synonyms 
_chem_comp.formula 
_chem_comp.formula_weight 
ACE non-polymer         . 'ACETYL GROUP'  ? 'C2 H4 O'        44.053  
ALA 'L-peptide linking' y ALANINE         ? 'C3 H7 N O2'     89.093  
ARG 'L-peptide linking' y ARGININE        ? 'C6 H15 N4 O2 1' 175.209 
ASN 'L-peptide linking' y ASPARAGINE      ? 'C4 H8 N2 O3'    132.118 
ASP 'L-peptide linking' y 'ASPARTIC ACID' ? 'C4 H7 N O4'     133.103 
CL  non-polymer         . 'CHLORIDE ION'  ? 'Cl -1'          35.453  
GLN 'L-peptide linking' y GLUTAMINE       ? 'C5 H10 N2 O3'   146.144 
GLU 'L-peptide linking' y 'GLUTAMIC ACID' ? 'C5 H9 N O4'     147.129 
GLY 'peptide linking'   y GLYCINE         ? 'C2 H5 N O2'     75.067  
HIS 'L-peptide linking' y HISTIDINE       ? 'C6 H10 N3 O2 1' 156.162 
HOH non-polymer         . WATER           ? 'H2 O'           18.015  
ILE 'L-peptide linking' y ISOLEUCINE      ? 'C6 H13 N O2'    131.173 
LEU 'L-peptide linking' y LEUCINE         ? 'C6 H13 N O2'    131.173 
LYS 'L-peptide linking' y LYSINE          ? 'C6 H15 N2 O2 1' 147.195 
MET 'L-peptide linking' y METHIONINE      ? 'C5 H11 N O2 S'  149.211 
SER 'L-peptide linking' y SERINE          ? 'C3 H7 N O3'     105.093 
TYR 'L-peptide linking' y TYROSINE        ? 'C9 H11 N O3'    181.189 
VAL 'L-peptide linking' y VALINE          ? 'C5 H11 N O2'    117.146 
# 
loop_
_pdbx_poly_seq_scheme.asym_id 
_pdbx_poly_seq_scheme.entity_id 
_pdbx_poly_seq_scheme.seq_id 
_pdbx_poly_seq_scheme.mon_id 
_pdbx_poly_seq_scheme.ndb_seq_num 
_pdbx_poly_seq_scheme.pdb_seq_num 
_pdbx_poly_seq_scheme.auth_seq_num 
_pdbx_poly_seq_scheme.pdb_mon_id 
_pdbx_poly_seq_scheme.auth_mon_id 
_pdbx_poly_seq_scheme.pdb_strand_id 
_pdbx_poly_seq_scheme.pdb_ins_code 
_pdbx_poly_seq_scheme.hetero 
A 1 1  ACE 1  0  0  ACE ACE A . n 
A 1 2  ARG 2  1  1  ARG ARG A . n 
A 1 3  MET 3  2  2  MET MET A . n 
A 1 4  LYS 4  3  3  LYS LYS A . n 
A 1 5  GLN 5  4  4  GLN GLN A . n 
A 1 6  ILE 6  5  5  ILE ILE A . n 
A 1 7  GLU 7  6  6  GLU GLU A . n 
A 1 8  ASP 8  7  7  ASP ASP A . n 
A 1 9  LYS 9  8  8  LYS LYS A . n 
A 1 10 ILE 10 9  9  ILE ILE A . n 
A 1 11 GLU 11 10 10 GLU GLU A . n 
A 1 12 GLU 12 11 11 GLU GLU A . n 
A 1 13 ILE 13 12 12 ILE ILE A . n 
A 1 14 LEU 14 13 13 LEU LEU A . n 
A 1 15 SER 15 14 14 SER SER A . n 
A 1 16 LYS 16 15 15 LYS LYS A . n 
A 1 17 GLN 17 16 16 GLN GLN A . n 
A 1 18 TYR 18 17 17 TYR TYR A . n 
A 1 19 HIS 19 18 18 HIS HIS A . n 
A 1 20 ILE 20 19 19 ILE ILE A . n 
A 1 21 GLU 21 20 20 GLU GLU A . n 
A 1 22 ASN 22 21 21 ASN ASN A . n 
A 1 23 GLU 23 22 22 GLU GLU A . n 
A 1 24 ILE 24 23 23 ILE ILE A . n 
A 1 25 ALA 25 24 24 ALA ALA A . n 
A 1 26 ARG 26 25 25 ARG ARG A . n 
A 1 27 ILE 27 26 26 ILE ILE A . n 
A 1 28 LYS 28 27 27 LYS LYS A . n 
A 1 29 LYS 29 28 28 LYS LYS A . n 
A 1 30 LEU 30 29 29 LEU LEU A . n 
A 1 31 ILE 31 30 30 ILE ILE A . n 
A 1 32 GLY 32 31 31 GLY GLY A . n 
# 
loop_
_pdbx_nonpoly_scheme.asym_id 
_pdbx_nonpoly_scheme.entity_id 
_pdbx_nonpoly_scheme.mon_id 
_pdbx_nonpoly_scheme.ndb_seq_num 
_pdbx_nonpoly_scheme.pdb_seq_num 
_pdbx_nonpoly_scheme.auth_seq_num 
_pdbx_nonpoly_scheme.pdb_mon_id 
_pdbx_nonpoly_scheme.auth_mon_id 
_pdbx_nonpoly_scheme.pdb_strand_id 
_pdbx_nonpoly_scheme.pdb_ins_code 
B 2 CL  1  100 100 CL  CL  A . 
C 3 HOH 1  33  33  HOH HOH A . 
C 3 HOH 2  34  34  HOH HOH A . 
C 3 HOH 3  35  35  HOH HOH A . 
C 3 HOH 4  36  36  HOH HOH A . 
C 3 HOH 5  37  37  HOH HOH A . 
C 3 HOH 6  38  38  HOH HOH A . 
C 3 HOH 7  39  39  HOH HOH A . 
C 3 HOH 8  40  40  HOH HOH A . 
C 3 HOH 9  41  41  HOH HOH A . 
C 3 HOH 10 42  42  HOH HOH A . 
C 3 HOH 11 43  43  HOH HOH A . 
C 3 HOH 12 44  44  HOH HOH A . 
C 3 HOH 13 45  45  HOH HOH A . 
C 3 HOH 14 46  46  HOH HOH A . 
C 3 HOH 15 47  47  HOH HOH A . 
C 3 HOH 16 48  48  HOH HOH A . 
C 3 HOH 17 49  49  HOH HOH A . 
C 3 HOH 18 50  50  HOH HOH A . 
C 3 HOH 19 51  51  HOH HOH A . 
C 3 HOH 20 52  52  HOH HOH A . 
C 3 HOH 21 53  53  HOH HOH A . 
C 3 HOH 22 54  54  HOH HOH A . 
C 3 HOH 23 55  55  HOH HOH A . 
C 3 HOH 24 56  56  HOH HOH A . 
C 3 HOH 25 57  57  HOH HOH A . 
C 3 HOH 26 58  58  HOH HOH A . 
C 3 HOH 27 59  59  HOH HOH A . 
C 3 HOH 28 60  60  HOH HOH A . 
C 3 HOH 29 61  61  HOH HOH A . 
C 3 HOH 30 62  62  HOH HOH A . 
C 3 HOH 31 63  63  HOH HOH A . 
C 3 HOH 32 64  64  HOH HOH A . 
C 3 HOH 33 65  65  HOH HOH A . 
C 3 HOH 34 66  66  HOH HOH A . 
C 3 HOH 35 67  67  HOH HOH A . 
C 3 HOH 36 68  68  HOH HOH A . 
C 3 HOH 37 69  69  HOH HOH A . 
C 3 HOH 38 70  70  HOH HOH A . 
C 3 HOH 39 71  71  HOH HOH A . 
C 3 HOH 40 72  72  HOH HOH A . 
C 3 HOH 41 73  73  HOH HOH A . 
C 3 HOH 42 74  74  HOH HOH A . 
C 3 HOH 43 75  75  HOH HOH A . 
C 3 HOH 44 78  78  HOH HOH A . 
C 3 HOH 45 79  79  HOH HOH A . 
C 3 HOH 46 80  80  HOH HOH A . 
C 3 HOH 47 82  82  HOH HOH A . 
# 
loop_
_software.name 
_software.classification 
_software.version 
_software.citation_id 
_software.pdbx_ordinal 
AMoRE     phasing          .   ? 1 
CNS       refinement       0.4 ? 2 
DENZO     'data reduction' .   ? 3 
SCALEPACK 'data scaling'   .   ? 4 
# 
_cell.entry_id           1PIQ 
_cell.length_a           39.660 
_cell.length_b           39.660 
_cell.length_c           47.470 
_cell.angle_alpha        90.00 
_cell.angle_beta         90.00 
_cell.angle_gamma        120.00 
_cell.Z_PDB              6 
_cell.pdbx_unique_axis   ? 
# 
_symmetry.entry_id                         1PIQ 
_symmetry.space_group_name_H-M             'P 3 2 1' 
_symmetry.pdbx_full_space_group_name_H-M   ? 
_symmetry.cell_setting                     ? 
_symmetry.Int_Tables_number                150 
# 
_exptl.entry_id          1PIQ 
_exptl.method            'X-RAY DIFFRACTION' 
_exptl.crystals_number   1 
# 
_exptl_crystal.id                    1 
_exptl_crystal.density_meas          ? 
_exptl_crystal.density_Matthews      3.0 
_exptl_crystal.density_percent_sol   54 
_exptl_crystal.description           ? 
# 
_exptl_crystal_grow.crystal_id      1 
_exptl_crystal_grow.method          ? 
_exptl_crystal_grow.temp            ? 
_exptl_crystal_grow.temp_details    ? 
_exptl_crystal_grow.pH              4.5 
_exptl_crystal_grow.pdbx_details    'PROTEIN WAS CRYSTALLIZED FROM: 75 MM NAAC PH4.5, 20 MM MGCL2 AND 23% MPD' 
_exptl_crystal_grow.pdbx_pH_range   . 
# 
_diffrn.id                     1 
_diffrn.ambient_temp           100 
_diffrn.ambient_temp_details   ? 
_diffrn.crystal_id             1 
# 
_diffrn_detector.diffrn_id              1 
_diffrn_detector.detector               'IMAGE PLATE' 
_diffrn_detector.type                   RIGAKU 
_diffrn_detector.pdbx_collection_date   1998-04-15 
_diffrn_detector.details                MIRRORS 
# 
_diffrn_radiation.diffrn_id                        1 
_diffrn_radiation.wavelength_id                    1 
_diffrn_radiation.pdbx_monochromatic_or_laue_m_l   M 
_diffrn_radiation.monochromator                    'NI FILTER' 
_diffrn_radiation.pdbx_diffrn_protocol             'SINGLE WAVELENGTH' 
_diffrn_radiation.pdbx_scattering_type             x-ray 
# 
_diffrn_radiation_wavelength.id           1 
_diffrn_radiation_wavelength.wavelength   1.5418 
_diffrn_radiation_wavelength.wt           1.0 
# 
_diffrn_source.diffrn_id                   1 
_diffrn_source.source                      'ROTATING ANODE' 
_diffrn_source.type                        'RIGAKU RU300' 
_diffrn_source.pdbx_synchrotron_site       ? 
_diffrn_source.pdbx_synchrotron_beamline   ? 
_diffrn_source.pdbx_wavelength             1.5418 
_diffrn_source.pdbx_wavelength_list        ? 
# 
_reflns.entry_id                     1PIQ 
_reflns.observed_criterion_sigma_I   ? 
_reflns.observed_criterion_sigma_F   ? 
_reflns.d_resolution_low             20.0 
_reflns.d_resolution_high            1.8 
_reflns.number_obs                   4072 
_reflns.number_all                   ? 
_reflns.percent_possible_obs         95.3 
_reflns.pdbx_Rmerge_I_obs            0.0360000 
_reflns.pdbx_Rsym_value              ? 
_reflns.pdbx_netI_over_sigmaI        33 
_reflns.B_iso_Wilson_estimate        27.8 
_reflns.pdbx_redundancy              6.7 
_reflns.R_free_details               ? 
_reflns.limit_h_max                  ? 
_reflns.limit_h_min                  ? 
_reflns.limit_k_max                  ? 
_reflns.limit_k_min                  ? 
_reflns.limit_l_max                  ? 
_reflns.limit_l_min                  ? 
_reflns.observed_criterion_F_max     ? 
_reflns.observed_criterion_F_min     ? 
_reflns.pdbx_ordinal                 1 
_reflns.pdbx_diffrn_id               1 
# 
_reflns_shell.d_res_high             1.80 
_reflns_shell.d_res_low              1.91 
_reflns_shell.percent_possible_all   92.4 
_reflns_shell.Rmerge_I_obs           0.2950000 
_reflns_shell.pdbx_Rsym_value        ? 
_reflns_shell.meanI_over_sigI_obs    4.3 
_reflns_shell.pdbx_redundancy        4.5 
_reflns_shell.percent_possible_obs   ? 
_reflns_shell.number_unique_all      ? 
_reflns_shell.pdbx_ordinal           1 
_reflns_shell.pdbx_diffrn_id         1 
# 
_refine.entry_id                                 1PIQ 
_refine.ls_number_reflns_obs                     4072 
_refine.ls_number_reflns_all                     ? 
_refine.pdbx_ls_sigma_I                          ? 
_refine.pdbx_ls_sigma_F                          0.0 
_refine.pdbx_data_cutoff_high_absF               ? 
_refine.pdbx_data_cutoff_low_absF                ? 
_refine.pdbx_data_cutoff_high_rms_absF           689770.22 
_refine.ls_d_res_low                             20.00 
_refine.ls_d_res_high                            1.80 
_refine.ls_percent_reflns_obs                    95.3 
_refine.ls_R_factor_obs                          0.2110000 
_refine.ls_R_factor_all                          ? 
_refine.ls_R_factor_R_work                       0.2110000 
_refine.ls_R_factor_R_free                       0.2360000 
_refine.ls_R_factor_R_free_error                 0.012 
_refine.ls_R_factor_R_free_error_details         ? 
_refine.ls_percent_reflns_R_free                 9.3 
_refine.ls_number_reflns_R_free                  378 
_refine.ls_number_parameters                     ? 
_refine.ls_number_restraints                     ? 
_refine.occupancy_min                            ? 
_refine.occupancy_max                            ? 
_refine.B_iso_mean                               29.0 
_refine.aniso_B[1][1]                            4.87 
_refine.aniso_B[2][2]                            4.87 
_refine.aniso_B[3][3]                            -9.74 
_refine.aniso_B[1][2]                            2.63 
_refine.aniso_B[1][3]                            0.00 
_refine.aniso_B[2][3]                            0.00 
_refine.solvent_model_details                    'FLAT MODEL' 
_refine.solvent_model_param_ksol                 0.333 
_refine.solvent_model_param_bsol                 61.16 
_refine.pdbx_ls_cross_valid_method               THROUGHOUT 
_refine.details                                  ? 
_refine.pdbx_starting_model                      ? 
_refine.pdbx_method_to_determine_struct          'MOLECULAR REPLACEMENT' 
_refine.pdbx_isotropic_thermal_model             RESTRAINED 
_refine.pdbx_stereochemistry_target_values       ? 
_refine.pdbx_stereochem_target_val_spec_case     ? 
_refine.pdbx_R_Free_selection_details            RANDOM 
_refine.pdbx_overall_ESU_R                       ? 
_refine.pdbx_overall_ESU_R_Free                  ? 
_refine.overall_SU_ML                            ? 
_refine.overall_SU_B                             ? 
_refine.ls_redundancy_reflns_obs                 ? 
_refine.B_iso_min                                ? 
_refine.B_iso_max                                ? 
_refine.pdbx_refine_id                           'X-RAY DIFFRACTION' 
_refine.pdbx_diffrn_id                           1 
_refine.pdbx_TLS_residual_ADP_flag               ? 
_refine.correlation_coeff_Fo_to_Fc               ? 
_refine.correlation_coeff_Fo_to_Fc_free          ? 
_refine.pdbx_solvent_vdw_probe_radii             ? 
_refine.pdbx_solvent_ion_probe_radii             ? 
_refine.pdbx_solvent_shrinkage_radii             ? 
_refine.pdbx_overall_phase_error                 ? 
_refine.overall_SU_R_Cruickshank_DPI             ? 
_refine.pdbx_overall_SU_R_free_Cruickshank_DPI   ? 
_refine.pdbx_overall_SU_R_Blow_DPI               ? 
_refine.pdbx_overall_SU_R_free_Blow_DPI          ? 
# 
_refine_analyze.entry_id                        1PIQ 
_refine_analyze.Luzzati_coordinate_error_obs    0.21 
_refine_analyze.Luzzati_sigma_a_obs             0.14 
_refine_analyze.Luzzati_d_res_low_obs           5.00 
_refine_analyze.Luzzati_coordinate_error_free   0.23 
_refine_analyze.Luzzati_sigma_a_free            0.11 
_refine_analyze.Luzzati_d_res_low_free          ? 
_refine_analyze.number_disordered_residues      ? 
_refine_analyze.occupancy_sum_hydrogen          ? 
_refine_analyze.occupancy_sum_non_hydrogen      ? 
_refine_analyze.pdbx_Luzzati_d_res_high_obs     ? 
_refine_analyze.pdbx_refine_id                  'X-RAY DIFFRACTION' 
# 
_refine_hist.pdbx_refine_id                   'X-RAY DIFFRACTION' 
_refine_hist.cycle_id                         LAST 
_refine_hist.pdbx_number_atoms_protein        267 
_refine_hist.pdbx_number_atoms_nucleic_acid   0 
_refine_hist.pdbx_number_atoms_ligand         1 
_refine_hist.number_atoms_solvent             47 
_refine_hist.number_atoms_total               315 
_refine_hist.d_res_high                       1.80 
_refine_hist.d_res_low                        20.00 
# 
loop_
_refine_ls_restr.type 
_refine_ls_restr.dev_ideal 
_refine_ls_restr.dev_ideal_target 
_refine_ls_restr.weight 
_refine_ls_restr.number 
_refine_ls_restr.pdbx_refine_id 
_refine_ls_restr.pdbx_restraint_function 
c_bond_d                0.011 ?   ? ? 'X-RAY DIFFRACTION' ? 
c_bond_d_na             ?     ?   ? ? 'X-RAY DIFFRACTION' ? 
c_bond_d_prot           ?     ?   ? ? 'X-RAY DIFFRACTION' ? 
c_angle_d               ?     ?   ? ? 'X-RAY DIFFRACTION' ? 
c_angle_d_na            ?     ?   ? ? 'X-RAY DIFFRACTION' ? 
c_angle_d_prot          ?     ?   ? ? 'X-RAY DIFFRACTION' ? 
c_angle_deg             1.2   ?   ? ? 'X-RAY DIFFRACTION' ? 
c_angle_deg_na          ?     ?   ? ? 'X-RAY DIFFRACTION' ? 
c_angle_deg_prot        ?     ?   ? ? 'X-RAY DIFFRACTION' ? 
c_dihedral_angle_d      14.4  ?   ? ? 'X-RAY DIFFRACTION' ? 
c_dihedral_angle_d_na   ?     ?   ? ? 'X-RAY DIFFRACTION' ? 
c_dihedral_angle_d_prot ?     ?   ? ? 'X-RAY DIFFRACTION' ? 
c_improper_angle_d      0.84  ?   ? ? 'X-RAY DIFFRACTION' ? 
c_improper_angle_d_na   ?     ?   ? ? 'X-RAY DIFFRACTION' ? 
c_improper_angle_d_prot ?     ?   ? ? 'X-RAY DIFFRACTION' ? 
c_mcbond_it             1.33  1.5 ? ? 'X-RAY DIFFRACTION' ? 
c_mcangle_it            1.92  2.0 ? ? 'X-RAY DIFFRACTION' ? 
c_scbond_it             2.79  2.0 ? ? 'X-RAY DIFFRACTION' ? 
c_scangle_it            4.3   2.5 ? ? 'X-RAY DIFFRACTION' ? 
# 
_refine_ls_shell.pdbx_total_number_of_bins_used   6 
_refine_ls_shell.d_res_high                       1.80 
_refine_ls_shell.d_res_low                        1.91 
_refine_ls_shell.number_reflns_R_work             566 
_refine_ls_shell.R_factor_R_work                  0.3140000 
_refine_ls_shell.percent_reflns_obs               92.4 
_refine_ls_shell.R_factor_R_free                  0.3530000 
_refine_ls_shell.R_factor_R_free_error            0.044 
_refine_ls_shell.percent_reflns_R_free            10.0 
_refine_ls_shell.number_reflns_R_free             63 
_refine_ls_shell.redundancy_reflns_obs            ? 
_refine_ls_shell.number_reflns_all                ? 
_refine_ls_shell.number_reflns_obs                ? 
_refine_ls_shell.pdbx_refine_id                   'X-RAY DIFFRACTION' 
_refine_ls_shell.R_factor_all                     ? 
# 
loop_
_pdbx_xplor_file.serial_no 
_pdbx_xplor_file.param_file 
_pdbx_xplor_file.topol_file 
_pdbx_xplor_file.pdbx_refine_id 
1 PROTEIN_REP.PARAM PROTEIN.TOP 'X-RAY DIFFRACTION' 
2 WATER_REP.PARAM   WATER.TOP   'X-RAY DIFFRACTION' 
3 ION.PARAM         ?           'X-RAY DIFFRACTION' 
# 
_struct.entry_id                  1PIQ 
_struct.title                     'CRYSTAL STRUCTURE OF GCN4-PIQ, A TRIMERIC COILED COIL WITH BURIED POLAR RESIDUES' 
_struct.pdbx_model_details        ? 
_struct.pdbx_CASP_flag            ? 
_struct.pdbx_model_type_details   ? 
# 
_struct_keywords.entry_id        1PIQ 
_struct_keywords.pdbx_keywords   'DNA BINDING PROTEIN' 
_struct_keywords.text            'ION BINDING, BURIED POLAR RESIDUE, DNA BINDING PROTEIN' 
# 
loop_
_struct_asym.id 
_struct_asym.pdbx_blank_PDB_chainid_flag 
_struct_asym.pdbx_modified 
_struct_asym.entity_id 
_struct_asym.details 
A N N 1 ? 
B N N 2 ? 
C N N 3 ? 
# 
_struct_ref.id                         1 
_struct_ref.db_name                    UNP 
_struct_ref.db_code                    GCN4_YEAST 
_struct_ref.entity_id                  1 
_struct_ref.pdbx_db_accession          P03069 
_struct_ref.pdbx_db_isoform            ? 
_struct_ref.pdbx_seq_one_letter_code   ? 
_struct_ref.pdbx_align_begin           ? 
# 
_struct_ref_seq.align_id                      1 
_struct_ref_seq.ref_id                        1 
_struct_ref_seq.pdbx_PDB_id_code              1PIQ 
_struct_ref_seq.pdbx_strand_id                A 
_struct_ref_seq.seq_align_beg                 2 
_struct_ref_seq.pdbx_seq_align_beg_ins_code   ? 
_struct_ref_seq.seq_align_end                 32 
_struct_ref_seq.pdbx_seq_align_end_ins_code   ? 
_struct_ref_seq.pdbx_db_accession             P03069 
_struct_ref_seq.db_align_beg                  249 
_struct_ref_seq.pdbx_db_align_beg_ins_code    ? 
_struct_ref_seq.db_align_end                  279 
_struct_ref_seq.pdbx_db_align_end_ins_code    ? 
_struct_ref_seq.pdbx_auth_seq_align_beg       1 
_struct_ref_seq.pdbx_auth_seq_align_end       31 
# 
loop_
_struct_ref_seq_dif.align_id 
_struct_ref_seq_dif.pdbx_pdb_id_code 
_struct_ref_seq_dif.mon_id 
_struct_ref_seq_dif.pdbx_pdb_strand_id 
_struct_ref_seq_dif.seq_num 
_struct_ref_seq_dif.pdbx_pdb_ins_code 
_struct_ref_seq_dif.pdbx_seq_db_name 
_struct_ref_seq_dif.pdbx_seq_db_accession_code 
_struct_ref_seq_dif.db_mon_id 
_struct_ref_seq_dif.pdbx_seq_db_seq_num 
_struct_ref_seq_dif.details 
_struct_ref_seq_dif.pdbx_auth_seq_num 
_struct_ref_seq_dif.pdbx_ordinal 
1 1PIQ ILE A 6  ? UNP P03069 LEU 253 'engineered mutation' 5  1 
1 1PIQ ILE A 10 ? UNP P03069 VAL 257 'engineered mutation' 9  2 
1 1PIQ ILE A 13 ? UNP P03069 LEU 260 'engineered mutation' 12 3 
1 1PIQ GLN A 17 ? UNP P03069 ASN 264 'engineered mutation' 16 4 
1 1PIQ ILE A 20 ? UNP P03069 LEU 267 'engineered mutation' 19 5 
1 1PIQ ILE A 24 ? UNP P03069 VAL 271 'engineered mutation' 23 6 
1 1PIQ ILE A 27 ? UNP P03069 LEU 274 'engineered mutation' 26 7 
1 1PIQ ILE A 31 ? UNP P03069 VAL 278 'engineered mutation' 30 8 
# 
_pdbx_struct_assembly.id                   1 
_pdbx_struct_assembly.details              author_and_software_defined_assembly 
_pdbx_struct_assembly.method_details       PISA,PQS 
_pdbx_struct_assembly.oligomeric_details   trimeric 
_pdbx_struct_assembly.oligomeric_count     3 
# 
loop_
_pdbx_struct_assembly_prop.biol_id 
_pdbx_struct_assembly_prop.type 
_pdbx_struct_assembly_prop.value 
_pdbx_struct_assembly_prop.details 
1 'ABSA (A^2)' 4170 ? 
1 MORE         -56  ? 
1 'SSA (A^2)'  6670 ? 
# 
_pdbx_struct_assembly_gen.assembly_id       1 
_pdbx_struct_assembly_gen.oper_expression   1,2,3 
_pdbx_struct_assembly_gen.asym_id_list      A,B,C 
# 
loop_
_pdbx_struct_oper_list.id 
_pdbx_struct_oper_list.type 
_pdbx_struct_oper_list.name 
_pdbx_struct_oper_list.symmetry_operation 
_pdbx_struct_oper_list.matrix[1][1] 
_pdbx_struct_oper_list.matrix[1][2] 
_pdbx_struct_oper_list.matrix[1][3] 
_pdbx_struct_oper_list.vector[1] 
_pdbx_struct_oper_list.matrix[2][1] 
_pdbx_struct_oper_list.matrix[2][2] 
_pdbx_struct_oper_list.matrix[2][3] 
_pdbx_struct_oper_list.vector[2] 
_pdbx_struct_oper_list.matrix[3][1] 
_pdbx_struct_oper_list.matrix[3][2] 
_pdbx_struct_oper_list.matrix[3][3] 
_pdbx_struct_oper_list.vector[3] 
1 'identity operation'         1_555 x,y,z         1.0000000000  0.0000000000  0.0000000000 0.0000000000 0.0000000000  1.0000000000  0.0000000000  0.0000000000 0.0000000000 0.0000000000  1.0000000000 0.0000000000  
2 'crystal symmetry operation' 2_655 -y+1,x-y,z    -0.0126662337 0.4453578877  0.8952630442 0.9336220539 -0.9009027457 -0.3935426129 0.1830258304  9.7849807624 0.4338361549 -0.8042266868 0.4062088466 2.6691209884  
3 'crystal symmetry operation' 3_665 -x+y+1,-x+1,z -0.0126662337 -0.9009027457 0.4338361549 7.6691803243 0.4453578877  -0.3935426129 -0.8042266868 5.5815892790 0.8952630442 0.1830258304  0.4062088466 -3.7109621103 
# 
_struct_biol.id   1 
# 
_struct_conf.conf_type_id            HELX_P 
_struct_conf.id                      HELX_P1 
_struct_conf.pdbx_PDB_helix_id       1 
_struct_conf.beg_label_comp_id       MET 
_struct_conf.beg_label_asym_id       A 
_struct_conf.beg_label_seq_id        3 
_struct_conf.pdbx_beg_PDB_ins_code   ? 
_struct_conf.end_label_comp_id       LEU 
_struct_conf.end_label_asym_id       A 
_struct_conf.end_label_seq_id        30 
_struct_conf.pdbx_end_PDB_ins_code   ? 
_struct_conf.beg_auth_comp_id        MET 
_struct_conf.beg_auth_asym_id        A 
_struct_conf.beg_auth_seq_id         2 
_struct_conf.end_auth_comp_id        LEU 
_struct_conf.end_auth_asym_id        A 
_struct_conf.end_auth_seq_id         29 
_struct_conf.pdbx_PDB_helix_class    1 
_struct_conf.details                 ? 
_struct_conf.pdbx_PDB_helix_length   28 
# 
_struct_conf_type.id          HELX_P 
_struct_conf_type.criteria    ? 
_struct_conf_type.reference   ? 
# 
_struct_conn.id                            covale1 
_struct_conn.conn_type_id                  covale 
_struct_conn.pdbx_leaving_atom_flag        both 
_struct_conn.pdbx_PDB_id                   ? 
_struct_conn.ptnr1_label_asym_id           A 
_struct_conn.ptnr1_label_comp_id           ACE 
_struct_conn.ptnr1_label_seq_id            1 
_struct_conn.ptnr1_label_atom_id           C 
_struct_conn.pdbx_ptnr1_label_alt_id       ? 
_struct_conn.pdbx_ptnr1_PDB_ins_code       ? 
_struct_conn.pdbx_ptnr1_standard_comp_id   ? 
_struct_conn.ptnr1_symmetry                1_555 
_struct_conn.ptnr2_label_asym_id           A 
_struct_conn.ptnr2_label_comp_id           ARG 
_struct_conn.ptnr2_label_seq_id            2 
_struct_conn.ptnr2_label_atom_id           N 
_struct_conn.pdbx_ptnr2_label_alt_id       ? 
_struct_conn.pdbx_ptnr2_PDB_ins_code       ? 
_struct_conn.ptnr1_auth_asym_id            A 
_struct_conn.ptnr1_auth_comp_id            ACE 
_struct_conn.ptnr1_auth_seq_id             0 
_struct_conn.ptnr2_auth_asym_id            A 
_struct_conn.ptnr2_auth_comp_id            ARG 
_struct_conn.ptnr2_auth_seq_id             1 
_struct_conn.ptnr2_symmetry                1_555 
_struct_conn.pdbx_ptnr3_label_atom_id      ? 
_struct_conn.pdbx_ptnr3_label_seq_id       ? 
_struct_conn.pdbx_ptnr3_label_comp_id      ? 
_struct_conn.pdbx_ptnr3_label_asym_id      ? 
_struct_conn.pdbx_ptnr3_label_alt_id       ? 
_struct_conn.pdbx_ptnr3_PDB_ins_code       ? 
_struct_conn.details                       ? 
_struct_conn.pdbx_dist_value               1.329 
_struct_conn.pdbx_value_order              ? 
_struct_conn.pdbx_role                     ? 
# 
_struct_conn_type.id          covale 
_struct_conn_type.criteria    ? 
_struct_conn_type.reference   ? 
# 
_pdbx_modification_feature.ordinal                            1 
_pdbx_modification_feature.label_comp_id                      ACE 
_pdbx_modification_feature.label_asym_id                      A 
_pdbx_modification_feature.label_seq_id                       1 
_pdbx_modification_feature.label_alt_id                       ? 
_pdbx_modification_feature.modified_residue_label_comp_id     ARG 
_pdbx_modification_feature.modified_residue_label_asym_id     A 
_pdbx_modification_feature.modified_residue_label_seq_id      2 
_pdbx_modification_feature.modified_residue_label_alt_id      ? 
_pdbx_modification_feature.auth_comp_id                       ACE 
_pdbx_modification_feature.auth_asym_id                       A 
_pdbx_modification_feature.auth_seq_id                        0 
_pdbx_modification_feature.PDB_ins_code                       ? 
_pdbx_modification_feature.symmetry                           1_555 
_pdbx_modification_feature.modified_residue_auth_comp_id      ARG 
_pdbx_modification_feature.modified_residue_auth_asym_id      A 
_pdbx_modification_feature.modified_residue_auth_seq_id       1 
_pdbx_modification_feature.modified_residue_PDB_ins_code      ? 
_pdbx_modification_feature.modified_residue_symmetry          1_555 
_pdbx_modification_feature.comp_id_linking_atom               . 
_pdbx_modification_feature.modified_residue_id_linking_atom   . 
_pdbx_modification_feature.modified_residue_id                ARG 
_pdbx_modification_feature.ref_pcm_id                         8 
_pdbx_modification_feature.ref_comp_id                        ACE 
_pdbx_modification_feature.type                               None 
_pdbx_modification_feature.category                           'Terminal acetylation' 
# 
loop_
_struct_site.id 
_struct_site.pdbx_evidence_code 
_struct_site.pdbx_auth_asym_id 
_struct_site.pdbx_auth_comp_id 
_struct_site.pdbx_auth_seq_id 
_struct_site.pdbx_auth_ins_code 
_struct_site.pdbx_num_residues 
_struct_site.details 
CLB Author   ? ?  ?   ? 1 'CHLORIDE ION BINDING SITE'         
AC1 Software A CL 100 ? 3 'BINDING SITE FOR RESIDUE CL A 100' 
# 
loop_
_struct_site_gen.id 
_struct_site_gen.site_id 
_struct_site_gen.pdbx_num_res 
_struct_site_gen.label_comp_id 
_struct_site_gen.label_asym_id 
_struct_site_gen.label_seq_id 
_struct_site_gen.pdbx_auth_ins_code 
_struct_site_gen.auth_comp_id 
_struct_site_gen.auth_asym_id 
_struct_site_gen.auth_seq_id 
_struct_site_gen.label_atom_id 
_struct_site_gen.label_alt_id 
_struct_site_gen.symmetry 
_struct_site_gen.details 
1 CLB 1 GLN A 17 ? GLN A 16 . ? 1_555 ? 
2 AC1 3 GLN A 17 ? GLN A 16 . ? 3_665 ? 
3 AC1 3 GLN A 17 ? GLN A 16 . ? 1_555 ? 
4 AC1 3 GLN A 17 ? GLN A 16 . ? 2_655 ? 
# 
_pdbx_entry_details.entry_id                   1PIQ 
_pdbx_entry_details.compound_details           ? 
_pdbx_entry_details.source_details             ? 
_pdbx_entry_details.nonpolymer_details         
;CHLORIDE ION IS COORDINATED BY GLN16

N-TERMINAL ACETYL GROUP
;
_pdbx_entry_details.sequence_details           ? 
_pdbx_entry_details.has_ligand_of_interest     ? 
_pdbx_entry_details.has_protein_modification   Y 
# 
loop_
_pdbx_struct_special_symmetry.id 
_pdbx_struct_special_symmetry.PDB_model_num 
_pdbx_struct_special_symmetry.auth_asym_id 
_pdbx_struct_special_symmetry.auth_comp_id 
_pdbx_struct_special_symmetry.auth_seq_id 
_pdbx_struct_special_symmetry.PDB_ins_code 
_pdbx_struct_special_symmetry.label_asym_id 
_pdbx_struct_special_symmetry.label_comp_id 
_pdbx_struct_special_symmetry.label_seq_id 
1 1 A CL  100 ? B CL  . 
2 1 A HOH 61  ? C HOH . 
3 1 A HOH 82  ? C HOH . 
# 
loop_
_chem_comp_atom.comp_id 
_chem_comp_atom.atom_id 
_chem_comp_atom.type_symbol 
_chem_comp_atom.pdbx_aromatic_flag 
_chem_comp_atom.pdbx_stereo_config 
_chem_comp_atom.pdbx_ordinal 
ACE C    C  N N 1   
ACE O    O  N N 2   
ACE CH3  C  N N 3   
ACE H    H  N N 4   
ACE H1   H  N N 5   
ACE H2   H  N N 6   
ACE H3   H  N N 7   
ALA N    N  N N 8   
ALA CA   C  N S 9   
ALA C    C  N N 10  
ALA O    O  N N 11  
ALA CB   C  N N 12  
ALA OXT  O  N N 13  
ALA H    H  N N 14  
ALA H2   H  N N 15  
ALA HA   H  N N 16  
ALA HB1  H  N N 17  
ALA HB2  H  N N 18  
ALA HB3  H  N N 19  
ALA HXT  H  N N 20  
ARG N    N  N N 21  
ARG CA   C  N S 22  
ARG C    C  N N 23  
ARG O    O  N N 24  
ARG CB   C  N N 25  
ARG CG   C  N N 26  
ARG CD   C  N N 27  
ARG NE   N  N N 28  
ARG CZ   C  N N 29  
ARG NH1  N  N N 30  
ARG NH2  N  N N 31  
ARG OXT  O  N N 32  
ARG H    H  N N 33  
ARG H2   H  N N 34  
ARG HA   H  N N 35  
ARG HB2  H  N N 36  
ARG HB3  H  N N 37  
ARG HG2  H  N N 38  
ARG HG3  H  N N 39  
ARG HD2  H  N N 40  
ARG HD3  H  N N 41  
ARG HE   H  N N 42  
ARG HH11 H  N N 43  
ARG HH12 H  N N 44  
ARG HH21 H  N N 45  
ARG HH22 H  N N 46  
ARG HXT  H  N N 47  
ASN N    N  N N 48  
ASN CA   C  N S 49  
ASN C    C  N N 50  
ASN O    O  N N 51  
ASN CB   C  N N 52  
ASN CG   C  N N 53  
ASN OD1  O  N N 54  
ASN ND2  N  N N 55  
ASN OXT  O  N N 56  
ASN H    H  N N 57  
ASN H2   H  N N 58  
ASN HA   H  N N 59  
ASN HB2  H  N N 60  
ASN HB3  H  N N 61  
ASN HD21 H  N N 62  
ASN HD22 H  N N 63  
ASN HXT  H  N N 64  
ASP N    N  N N 65  
ASP CA   C  N S 66  
ASP C    C  N N 67  
ASP O    O  N N 68  
ASP CB   C  N N 69  
ASP CG   C  N N 70  
ASP OD1  O  N N 71  
ASP OD2  O  N N 72  
ASP OXT  O  N N 73  
ASP H    H  N N 74  
ASP H2   H  N N 75  
ASP HA   H  N N 76  
ASP HB2  H  N N 77  
ASP HB3  H  N N 78  
ASP HD2  H  N N 79  
ASP HXT  H  N N 80  
CL  CL   CL N N 81  
GLN N    N  N N 82  
GLN CA   C  N S 83  
GLN C    C  N N 84  
GLN O    O  N N 85  
GLN CB   C  N N 86  
GLN CG   C  N N 87  
GLN CD   C  N N 88  
GLN OE1  O  N N 89  
GLN NE2  N  N N 90  
GLN OXT  O  N N 91  
GLN H    H  N N 92  
GLN H2   H  N N 93  
GLN HA   H  N N 94  
GLN HB2  H  N N 95  
GLN HB3  H  N N 96  
GLN HG2  H  N N 97  
GLN HG3  H  N N 98  
GLN HE21 H  N N 99  
GLN HE22 H  N N 100 
GLN HXT  H  N N 101 
GLU N    N  N N 102 
GLU CA   C  N S 103 
GLU C    C  N N 104 
GLU O    O  N N 105 
GLU CB   C  N N 106 
GLU CG   C  N N 107 
GLU CD   C  N N 108 
GLU OE1  O  N N 109 
GLU OE2  O  N N 110 
GLU OXT  O  N N 111 
GLU H    H  N N 112 
GLU H2   H  N N 113 
GLU HA   H  N N 114 
GLU HB2  H  N N 115 
GLU HB3  H  N N 116 
GLU HG2  H  N N 117 
GLU HG3  H  N N 118 
GLU HE2  H  N N 119 
GLU HXT  H  N N 120 
GLY N    N  N N 121 
GLY CA   C  N N 122 
GLY C    C  N N 123 
GLY O    O  N N 124 
GLY OXT  O  N N 125 
GLY H    H  N N 126 
GLY H2   H  N N 127 
GLY HA2  H  N N 128 
GLY HA3  H  N N 129 
GLY HXT  H  N N 130 
HIS N    N  N N 131 
HIS CA   C  N S 132 
HIS C    C  N N 133 
HIS O    O  N N 134 
HIS CB   C  N N 135 
HIS CG   C  Y N 136 
HIS ND1  N  Y N 137 
HIS CD2  C  Y N 138 
HIS CE1  C  Y N 139 
HIS NE2  N  Y N 140 
HIS OXT  O  N N 141 
HIS H    H  N N 142 
HIS H2   H  N N 143 
HIS HA   H  N N 144 
HIS HB2  H  N N 145 
HIS HB3  H  N N 146 
HIS HD1  H  N N 147 
HIS HD2  H  N N 148 
HIS HE1  H  N N 149 
HIS HE2  H  N N 150 
HIS HXT  H  N N 151 
HOH O    O  N N 152 
HOH H1   H  N N 153 
HOH H2   H  N N 154 
ILE N    N  N N 155 
ILE CA   C  N S 156 
ILE C    C  N N 157 
ILE O    O  N N 158 
ILE CB   C  N S 159 
ILE CG1  C  N N 160 
ILE CG2  C  N N 161 
ILE CD1  C  N N 162 
ILE OXT  O  N N 163 
ILE H    H  N N 164 
ILE H2   H  N N 165 
ILE HA   H  N N 166 
ILE HB   H  N N 167 
ILE HG12 H  N N 168 
ILE HG13 H  N N 169 
ILE HG21 H  N N 170 
ILE HG22 H  N N 171 
ILE HG23 H  N N 172 
ILE HD11 H  N N 173 
ILE HD12 H  N N 174 
ILE HD13 H  N N 175 
ILE HXT  H  N N 176 
LEU N    N  N N 177 
LEU CA   C  N S 178 
LEU C    C  N N 179 
LEU O    O  N N 180 
LEU CB   C  N N 181 
LEU CG   C  N N 182 
LEU CD1  C  N N 183 
LEU CD2  C  N N 184 
LEU OXT  O  N N 185 
LEU H    H  N N 186 
LEU H2   H  N N 187 
LEU HA   H  N N 188 
LEU HB2  H  N N 189 
LEU HB3  H  N N 190 
LEU HG   H  N N 191 
LEU HD11 H  N N 192 
LEU HD12 H  N N 193 
LEU HD13 H  N N 194 
LEU HD21 H  N N 195 
LEU HD22 H  N N 196 
LEU HD23 H  N N 197 
LEU HXT  H  N N 198 
LYS N    N  N N 199 
LYS CA   C  N S 200 
LYS C    C  N N 201 
LYS O    O  N N 202 
LYS CB   C  N N 203 
LYS CG   C  N N 204 
LYS CD   C  N N 205 
LYS CE   C  N N 206 
LYS NZ   N  N N 207 
LYS OXT  O  N N 208 
LYS H    H  N N 209 
LYS H2   H  N N 210 
LYS HA   H  N N 211 
LYS HB2  H  N N 212 
LYS HB3  H  N N 213 
LYS HG2  H  N N 214 
LYS HG3  H  N N 215 
LYS HD2  H  N N 216 
LYS HD3  H  N N 217 
LYS HE2  H  N N 218 
LYS HE3  H  N N 219 
LYS HZ1  H  N N 220 
LYS HZ2  H  N N 221 
LYS HZ3  H  N N 222 
LYS HXT  H  N N 223 
MET N    N  N N 224 
MET CA   C  N S 225 
MET C    C  N N 226 
MET O    O  N N 227 
MET CB   C  N N 228 
MET CG   C  N N 229 
MET SD   S  N N 230 
MET CE   C  N N 231 
MET OXT  O  N N 232 
MET H    H  N N 233 
MET H2   H  N N 234 
MET HA   H  N N 235 
MET HB2  H  N N 236 
MET HB3  H  N N 237 
MET HG2  H  N N 238 
MET HG3  H  N N 239 
MET HE1  H  N N 240 
MET HE2  H  N N 241 
MET HE3  H  N N 242 
MET HXT  H  N N 243 
SER N    N  N N 244 
SER CA   C  N S 245 
SER C    C  N N 246 
SER O    O  N N 247 
SER CB   C  N N 248 
SER OG   O  N N 249 
SER OXT  O  N N 250 
SER H    H  N N 251 
SER H2   H  N N 252 
SER HA   H  N N 253 
SER HB2  H  N N 254 
SER HB3  H  N N 255 
SER HG   H  N N 256 
SER HXT  H  N N 257 
TYR N    N  N N 258 
TYR CA   C  N S 259 
TYR C    C  N N 260 
TYR O    O  N N 261 
TYR CB   C  N N 262 
TYR CG   C  Y N 263 
TYR CD1  C  Y N 264 
TYR CD2  C  Y N 265 
TYR CE1  C  Y N 266 
TYR CE2  C  Y N 267 
TYR CZ   C  Y N 268 
TYR OH   O  N N 269 
TYR OXT  O  N N 270 
TYR H    H  N N 271 
TYR H2   H  N N 272 
TYR HA   H  N N 273 
TYR HB2  H  N N 274 
TYR HB3  H  N N 275 
TYR HD1  H  N N 276 
TYR HD2  H  N N 277 
TYR HE1  H  N N 278 
TYR HE2  H  N N 279 
TYR HH   H  N N 280 
TYR HXT  H  N N 281 
VAL N    N  N N 282 
VAL CA   C  N S 283 
VAL C    C  N N 284 
VAL O    O  N N 285 
VAL CB   C  N N 286 
VAL CG1  C  N N 287 
VAL CG2  C  N N 288 
VAL OXT  O  N N 289 
VAL H    H  N N 290 
VAL H2   H  N N 291 
VAL HA   H  N N 292 
VAL HB   H  N N 293 
VAL HG11 H  N N 294 
VAL HG12 H  N N 295 
VAL HG13 H  N N 296 
VAL HG21 H  N N 297 
VAL HG22 H  N N 298 
VAL HG23 H  N N 299 
VAL HXT  H  N N 300 
# 
loop_
_chem_comp_bond.comp_id 
_chem_comp_bond.atom_id_1 
_chem_comp_bond.atom_id_2 
_chem_comp_bond.value_order 
_chem_comp_bond.pdbx_aromatic_flag 
_chem_comp_bond.pdbx_stereo_config 
_chem_comp_bond.pdbx_ordinal 
ACE C   O    doub N N 1   
ACE C   CH3  sing N N 2   
ACE C   H    sing N N 3   
ACE CH3 H1   sing N N 4   
ACE CH3 H2   sing N N 5   
ACE CH3 H3   sing N N 6   
ALA N   CA   sing N N 7   
ALA N   H    sing N N 8   
ALA N   H2   sing N N 9   
ALA CA  C    sing N N 10  
ALA CA  CB   sing N N 11  
ALA CA  HA   sing N N 12  
ALA C   O    doub N N 13  
ALA C   OXT  sing N N 14  
ALA CB  HB1  sing N N 15  
ALA CB  HB2  sing N N 16  
ALA CB  HB3  sing N N 17  
ALA OXT HXT  sing N N 18  
ARG N   CA   sing N N 19  
ARG N   H    sing N N 20  
ARG N   H2   sing N N 21  
ARG CA  C    sing N N 22  
ARG CA  CB   sing N N 23  
ARG CA  HA   sing N N 24  
ARG C   O    doub N N 25  
ARG C   OXT  sing N N 26  
ARG CB  CG   sing N N 27  
ARG CB  HB2  sing N N 28  
ARG CB  HB3  sing N N 29  
ARG CG  CD   sing N N 30  
ARG CG  HG2  sing N N 31  
ARG CG  HG3  sing N N 32  
ARG CD  NE   sing N N 33  
ARG CD  HD2  sing N N 34  
ARG CD  HD3  sing N N 35  
ARG NE  CZ   sing N N 36  
ARG NE  HE   sing N N 37  
ARG CZ  NH1  sing N N 38  
ARG CZ  NH2  doub N N 39  
ARG NH1 HH11 sing N N 40  
ARG NH1 HH12 sing N N 41  
ARG NH2 HH21 sing N N 42  
ARG NH2 HH22 sing N N 43  
ARG OXT HXT  sing N N 44  
ASN N   CA   sing N N 45  
ASN N   H    sing N N 46  
ASN N   H2   sing N N 47  
ASN CA  C    sing N N 48  
ASN CA  CB   sing N N 49  
ASN CA  HA   sing N N 50  
ASN C   O    doub N N 51  
ASN C   OXT  sing N N 52  
ASN CB  CG   sing N N 53  
ASN CB  HB2  sing N N 54  
ASN CB  HB3  sing N N 55  
ASN CG  OD1  doub N N 56  
ASN CG  ND2  sing N N 57  
ASN ND2 HD21 sing N N 58  
ASN ND2 HD22 sing N N 59  
ASN OXT HXT  sing N N 60  
ASP N   CA   sing N N 61  
ASP N   H    sing N N 62  
ASP N   H2   sing N N 63  
ASP CA  C    sing N N 64  
ASP CA  CB   sing N N 65  
ASP CA  HA   sing N N 66  
ASP C   O    doub N N 67  
ASP C   OXT  sing N N 68  
ASP CB  CG   sing N N 69  
ASP CB  HB2  sing N N 70  
ASP CB  HB3  sing N N 71  
ASP CG  OD1  doub N N 72  
ASP CG  OD2  sing N N 73  
ASP OD2 HD2  sing N N 74  
ASP OXT HXT  sing N N 75  
GLN N   CA   sing N N 76  
GLN N   H    sing N N 77  
GLN N   H2   sing N N 78  
GLN CA  C    sing N N 79  
GLN CA  CB   sing N N 80  
GLN CA  HA   sing N N 81  
GLN C   O    doub N N 82  
GLN C   OXT  sing N N 83  
GLN CB  CG   sing N N 84  
GLN CB  HB2  sing N N 85  
GLN CB  HB3  sing N N 86  
GLN CG  CD   sing N N 87  
GLN CG  HG2  sing N N 88  
GLN CG  HG3  sing N N 89  
GLN CD  OE1  doub N N 90  
GLN CD  NE2  sing N N 91  
GLN NE2 HE21 sing N N 92  
GLN NE2 HE22 sing N N 93  
GLN OXT HXT  sing N N 94  
GLU N   CA   sing N N 95  
GLU N   H    sing N N 96  
GLU N   H2   sing N N 97  
GLU CA  C    sing N N 98  
GLU CA  CB   sing N N 99  
GLU CA  HA   sing N N 100 
GLU C   O    doub N N 101 
GLU C   OXT  sing N N 102 
GLU CB  CG   sing N N 103 
GLU CB  HB2  sing N N 104 
GLU CB  HB3  sing N N 105 
GLU CG  CD   sing N N 106 
GLU CG  HG2  sing N N 107 
GLU CG  HG3  sing N N 108 
GLU CD  OE1  doub N N 109 
GLU CD  OE2  sing N N 110 
GLU OE2 HE2  sing N N 111 
GLU OXT HXT  sing N N 112 
GLY N   CA   sing N N 113 
GLY N   H    sing N N 114 
GLY N   H2   sing N N 115 
GLY CA  C    sing N N 116 
GLY CA  HA2  sing N N 117 
GLY CA  HA3  sing N N 118 
GLY C   O    doub N N 119 
GLY C   OXT  sing N N 120 
GLY OXT HXT  sing N N 121 
HIS N   CA   sing N N 122 
HIS N   H    sing N N 123 
HIS N   H2   sing N N 124 
HIS CA  C    sing N N 125 
HIS CA  CB   sing N N 126 
HIS CA  HA   sing N N 127 
HIS C   O    doub N N 128 
HIS C   OXT  sing N N 129 
HIS CB  CG   sing N N 130 
HIS CB  HB2  sing N N 131 
HIS CB  HB3  sing N N 132 
HIS CG  ND1  sing Y N 133 
HIS CG  CD2  doub Y N 134 
HIS ND1 CE1  doub Y N 135 
HIS ND1 HD1  sing N N 136 
HIS CD2 NE2  sing Y N 137 
HIS CD2 HD2  sing N N 138 
HIS CE1 NE2  sing Y N 139 
HIS CE1 HE1  sing N N 140 
HIS NE2 HE2  sing N N 141 
HIS OXT HXT  sing N N 142 
HOH O   H1   sing N N 143 
HOH O   H2   sing N N 144 
ILE N   CA   sing N N 145 
ILE N   H    sing N N 146 
ILE N   H2   sing N N 147 
ILE CA  C    sing N N 148 
ILE CA  CB   sing N N 149 
ILE CA  HA   sing N N 150 
ILE C   O    doub N N 151 
ILE C   OXT  sing N N 152 
ILE CB  CG1  sing N N 153 
ILE CB  CG2  sing N N 154 
ILE CB  HB   sing N N 155 
ILE CG1 CD1  sing N N 156 
ILE CG1 HG12 sing N N 157 
ILE CG1 HG13 sing N N 158 
ILE CG2 HG21 sing N N 159 
ILE CG2 HG22 sing N N 160 
ILE CG2 HG23 sing N N 161 
ILE CD1 HD11 sing N N 162 
ILE CD1 HD12 sing N N 163 
ILE CD1 HD13 sing N N 164 
ILE OXT HXT  sing N N 165 
LEU N   CA   sing N N 166 
LEU N   H    sing N N 167 
LEU N   H2   sing N N 168 
LEU CA  C    sing N N 169 
LEU CA  CB   sing N N 170 
LEU CA  HA   sing N N 171 
LEU C   O    doub N N 172 
LEU C   OXT  sing N N 173 
LEU CB  CG   sing N N 174 
LEU CB  HB2  sing N N 175 
LEU CB  HB3  sing N N 176 
LEU CG  CD1  sing N N 177 
LEU CG  CD2  sing N N 178 
LEU CG  HG   sing N N 179 
LEU CD1 HD11 sing N N 180 
LEU CD1 HD12 sing N N 181 
LEU CD1 HD13 sing N N 182 
LEU CD2 HD21 sing N N 183 
LEU CD2 HD22 sing N N 184 
LEU CD2 HD23 sing N N 185 
LEU OXT HXT  sing N N 186 
LYS N   CA   sing N N 187 
LYS N   H    sing N N 188 
LYS N   H2   sing N N 189 
LYS CA  C    sing N N 190 
LYS CA  CB   sing N N 191 
LYS CA  HA   sing N N 192 
LYS C   O    doub N N 193 
LYS C   OXT  sing N N 194 
LYS CB  CG   sing N N 195 
LYS CB  HB2  sing N N 196 
LYS CB  HB3  sing N N 197 
LYS CG  CD   sing N N 198 
LYS CG  HG2  sing N N 199 
LYS CG  HG3  sing N N 200 
LYS CD  CE   sing N N 201 
LYS CD  HD2  sing N N 202 
LYS CD  HD3  sing N N 203 
LYS CE  NZ   sing N N 204 
LYS CE  HE2  sing N N 205 
LYS CE  HE3  sing N N 206 
LYS NZ  HZ1  sing N N 207 
LYS NZ  HZ2  sing N N 208 
LYS NZ  HZ3  sing N N 209 
LYS OXT HXT  sing N N 210 
MET N   CA   sing N N 211 
MET N   H    sing N N 212 
MET N   H2   sing N N 213 
MET CA  C    sing N N 214 
MET CA  CB   sing N N 215 
MET CA  HA   sing N N 216 
MET C   O    doub N N 217 
MET C   OXT  sing N N 218 
MET CB  CG   sing N N 219 
MET CB  HB2  sing N N 220 
MET CB  HB3  sing N N 221 
MET CG  SD   sing N N 222 
MET CG  HG2  sing N N 223 
MET CG  HG3  sing N N 224 
MET SD  CE   sing N N 225 
MET CE  HE1  sing N N 226 
MET CE  HE2  sing N N 227 
MET CE  HE3  sing N N 228 
MET OXT HXT  sing N N 229 
SER N   CA   sing N N 230 
SER N   H    sing N N 231 
SER N   H2   sing N N 232 
SER CA  C    sing N N 233 
SER CA  CB   sing N N 234 
SER CA  HA   sing N N 235 
SER C   O    doub N N 236 
SER C   OXT  sing N N 237 
SER CB  OG   sing N N 238 
SER CB  HB2  sing N N 239 
SER CB  HB3  sing N N 240 
SER OG  HG   sing N N 241 
SER OXT HXT  sing N N 242 
TYR N   CA   sing N N 243 
TYR N   H    sing N N 244 
TYR N   H2   sing N N 245 
TYR CA  C    sing N N 246 
TYR CA  CB   sing N N 247 
TYR CA  HA   sing N N 248 
TYR C   O    doub N N 249 
TYR C   OXT  sing N N 250 
TYR CB  CG   sing N N 251 
TYR CB  HB2  sing N N 252 
TYR CB  HB3  sing N N 253 
TYR CG  CD1  doub Y N 254 
TYR CG  CD2  sing Y N 255 
TYR CD1 CE1  sing Y N 256 
TYR CD1 HD1  sing N N 257 
TYR CD2 CE2  doub Y N 258 
TYR CD2 HD2  sing N N 259 
TYR CE1 CZ   doub Y N 260 
TYR CE1 HE1  sing N N 261 
TYR CE2 CZ   sing Y N 262 
TYR CE2 HE2  sing N N 263 
TYR CZ  OH   sing N N 264 
TYR OH  HH   sing N N 265 
TYR OXT HXT  sing N N 266 
VAL N   CA   sing N N 267 
VAL N   H    sing N N 268 
VAL N   H2   sing N N 269 
VAL CA  C    sing N N 270 
VAL CA  CB   sing N N 271 
VAL CA  HA   sing N N 272 
VAL C   O    doub N N 273 
VAL C   OXT  sing N N 274 
VAL CB  CG1  sing N N 275 
VAL CB  CG2  sing N N 276 
VAL CB  HB   sing N N 277 
VAL CG1 HG11 sing N N 278 
VAL CG1 HG12 sing N N 279 
VAL CG1 HG13 sing N N 280 
VAL CG2 HG21 sing N N 281 
VAL CG2 HG22 sing N N 282 
VAL CG2 HG23 sing N N 283 
VAL OXT HXT  sing N N 284 
# 
_atom_sites.entry_id                    1PIQ 
_atom_sites.fract_transf_matrix[1][1]   -0.01288466 
_atom_sites.fract_transf_matrix[1][2]   -0.02610337 
_atom_sites.fract_transf_matrix[1][3]   0.00050185 
_atom_sites.fract_transf_matrix[2][1]   -0.02389794 
_atom_sites.fract_transf_matrix[2][2]   -0.00413073 
_atom_sites.fract_transf_matrix[2][3]   0.01610927 
_atom_sites.fract_transf_matrix[3][1]   -0.01200742 
_atom_sites.fract_transf_matrix[3][2]   0.00561209 
_atom_sites.fract_transf_matrix[3][3]   -0.01637384 
_atom_sites.fract_transf_vector[1]      0.837483 
_atom_sites.fract_transf_vector[2]      0.428616 
_atom_sites.fract_transf_vector[3]      0.085207 
# 
loop_
_atom_type.symbol 
C  
CL 
N  
O  
S  
# 
loop_
_atom_site.group_PDB 
_atom_site.id 
_atom_site.type_symbol 
_atom_site.label_atom_id 
_atom_site.label_alt_id 
_atom_site.label_comp_id 
_atom_site.label_asym_id 
_atom_site.label_entity_id 
_atom_site.label_seq_id 
_atom_site.pdbx_PDB_ins_code 
_atom_site.Cartn_x 
_atom_site.Cartn_y 
_atom_site.Cartn_z 
_atom_site.occupancy 
_atom_site.B_iso_or_equiv 
_atom_site.pdbx_formal_charge 
_atom_site.auth_seq_id 
_atom_site.auth_comp_id 
_atom_site.auth_asym_id 
_atom_site.auth_atom_id 
_atom_site.pdbx_PDB_model_num 
HETATM 1   C  C   . ACE A 1 1  ? 8.888   -3.429 21.240  1.00 32.44 ? 0   ACE A C   1 
HETATM 2   O  O   . ACE A 1 1  ? 8.025   -3.375 20.358  1.00 33.31 ? 0   ACE A O   1 
HETATM 3   C  CH3 . ACE A 1 1  ? 8.954   -4.616 22.165  1.00 32.06 ? 0   ACE A CH3 1 
ATOM   4   N  N   . ARG A 1 2  ? 9.791   -2.470 21.410  1.00 30.61 ? 1   ARG A N   1 
ATOM   5   C  CA  . ARG A 1 2  ? 9.778   -1.284 20.570  1.00 29.26 ? 1   ARG A CA  1 
ATOM   6   C  C   . ARG A 1 2  ? 10.078  -1.593 19.101  1.00 28.92 ? 1   ARG A C   1 
ATOM   7   O  O   . ARG A 1 2  ? 9.504   -0.984 18.211  1.00 29.15 ? 1   ARG A O   1 
ATOM   8   C  CB  . ARG A 1 2  ? 10.779  -0.279 21.092  1.00 29.76 ? 1   ARG A CB  1 
ATOM   9   C  CG  . ARG A 1 2  ? 10.669  1.086  20.453  1.00 29.27 ? 1   ARG A CG  1 
ATOM   10  C  CD  . ARG A 1 2  ? 11.588  2.039  21.160  1.00 29.45 ? 1   ARG A CD  1 
ATOM   11  N  NE  . ARG A 1 2  ? 11.645  3.335  20.492  1.00 28.81 ? 1   ARG A NE  1 
ATOM   12  C  CZ  . ARG A 1 2  ? 12.551  4.258  20.784  1.00 29.74 ? 1   ARG A CZ  1 
ATOM   13  N  NH1 . ARG A 1 2  ? 13.447  3.999  21.725  1.00 28.57 ? 1   ARG A NH1 1 
ATOM   14  N  NH2 . ARG A 1 2  ? 12.593  5.410  20.114  1.00 28.00 ? 1   ARG A NH2 1 
ATOM   15  N  N   . MET A 1 3  ? 10.984  -2.525 18.847  1.00 28.08 ? 2   MET A N   1 
ATOM   16  C  CA  . MET A 1 3  ? 11.293  -2.880 17.471  1.00 28.53 ? 2   MET A CA  1 
ATOM   17  C  C   . MET A 1 3  ? 10.086  -3.584 16.857  1.00 28.65 ? 2   MET A C   1 
ATOM   18  O  O   . MET A 1 3  ? 9.775   -3.371 15.689  1.00 27.81 ? 2   MET A O   1 
ATOM   19  C  CB  . MET A 1 3  ? 12.560  -3.753 17.401  1.00 29.05 ? 2   MET A CB  1 
ATOM   20  C  CG  . MET A 1 3  ? 13.801  -3.010 17.899  1.00 35.28 ? 2   MET A CG  1 
ATOM   21  S  SD  . MET A 1 3  ? 15.418  -3.764 17.513  1.00 38.01 ? 2   MET A SD  1 
ATOM   22  C  CE  . MET A 1 3  ? 16.250  -3.598 19.081  1.00 40.55 ? 2   MET A CE  1 
ATOM   23  N  N   . LYS A 1 4  ? 9.376   -4.385 17.647  1.00 28.16 ? 3   LYS A N   1 
ATOM   24  C  CA  . LYS A 1 4  ? 8.203   -5.070 17.117  1.00 29.40 ? 3   LYS A CA  1 
ATOM   25  C  C   . LYS A 1 4  ? 7.132   -4.055 16.704  1.00 28.16 ? 3   LYS A C   1 
ATOM   26  O  O   . LYS A 1 4  ? 6.462   -4.238 15.685  1.00 26.27 ? 3   LYS A O   1 
ATOM   27  C  CB  . LYS A 1 4  ? 7.602   -6.044 18.145  1.00 31.76 ? 3   LYS A CB  1 
ATOM   28  C  CG  . LYS A 1 4  ? 6.436   -6.841 17.555  1.00 36.85 ? 3   LYS A CG  1 
ATOM   29  C  CD  . LYS A 1 4  ? 5.680   -7.653 18.590  1.00 40.42 ? 3   LYS A CD  1 
ATOM   30  C  CE  . LYS A 1 4  ? 4.524   -8.411 17.937  1.00 43.48 ? 3   LYS A CE  1 
ATOM   31  N  NZ  . LYS A 1 4  ? 3.550   -7.511 17.253  1.00 44.83 ? 3   LYS A NZ  1 
ATOM   32  N  N   . GLN A 1 5  ? 6.957   -2.997 17.496  1.00 26.63 ? 4   GLN A N   1 
ATOM   33  C  CA  . GLN A 1 5  ? 5.965   -1.958 17.184  1.00 26.59 ? 4   GLN A CA  1 
ATOM   34  C  C   . GLN A 1 5  ? 6.318   -1.237 15.877  1.00 25.02 ? 4   GLN A C   1 
ATOM   35  O  O   . GLN A 1 5  ? 5.444   -0.874 15.089  1.00 24.57 ? 4   GLN A O   1 
ATOM   36  C  CB  . GLN A 1 5  ? 5.881   -0.951 18.331  1.00 28.68 ? 4   GLN A CB  1 
ATOM   37  C  CG  . GLN A 1 5  ? 5.181   -1.532 19.550  1.00 34.45 ? 4   GLN A CG  1 
ATOM   38  C  CD  . GLN A 1 5  ? 5.237   -0.617 20.745  1.00 38.66 ? 4   GLN A CD  1 
ATOM   39  O  OE1 . GLN A 1 5  ? 4.291   -0.553 21.547  1.00 41.50 ? 4   GLN A OE1 1 
ATOM   40  N  NE2 . GLN A 1 5  ? 6.349   0.088  20.893  1.00 36.13 ? 4   GLN A NE2 1 
ATOM   41  N  N   . ILE A 1 6  ? 7.609   -1.032 15.665  1.00 25.05 ? 5   ILE A N   1 
ATOM   42  C  CA  . ILE A 1 6  ? 8.094   -0.395 14.445  1.00 23.68 ? 5   ILE A CA  1 
ATOM   43  C  C   . ILE A 1 6  ? 7.786   -1.332 13.284  1.00 23.13 ? 5   ILE A C   1 
ATOM   44  O  O   . ILE A 1 6  ? 7.255   -0.905 12.270  1.00 21.30 ? 5   ILE A O   1 
ATOM   45  C  CB  . ILE A 1 6  ? 9.630   -0.128 14.553  1.00 24.14 ? 5   ILE A CB  1 
ATOM   46  C  CG1 . ILE A 1 6  ? 9.871   0.988  15.588  1.00 24.81 ? 5   ILE A CG1 1 
ATOM   47  C  CG2 . ILE A 1 6  ? 10.229  0.158  13.176  1.00 24.01 ? 5   ILE A CG2 1 
ATOM   48  C  CD1 . ILE A 1 6  ? 11.362  1.225  15.979  1.00 25.07 ? 5   ILE A CD1 1 
ATOM   49  N  N   . GLU A 1 7  ? 8.102   -2.614 13.449  1.00 21.88 ? 6   GLU A N   1 
ATOM   50  C  CA  . GLU A 1 7  ? 7.872   -3.610 12.392  1.00 20.94 ? 6   GLU A CA  1 
ATOM   51  C  C   . GLU A 1 7  ? 6.392   -3.756 12.060  1.00 22.19 ? 6   GLU A C   1 
ATOM   52  O  O   . GLU A 1 7  ? 6.024   -3.904 10.891  1.00 22.43 ? 6   GLU A O   1 
ATOM   53  C  CB  . GLU A 1 7  ? 8.521   -4.952 12.802  1.00 22.38 ? 6   GLU A CB  1 
ATOM   54  C  CG  . GLU A 1 7  ? 10.058  -4.787 12.987  1.00 23.55 ? 6   GLU A CG  1 
ATOM   55  C  CD  . GLU A 1 7  ? 10.756  -5.999 13.592  1.00 27.38 ? 6   GLU A CD  1 
ATOM   56  O  OE1 . GLU A 1 7  ? 10.112  -6.718 14.383  1.00 25.15 ? 6   GLU A OE1 1 
ATOM   57  O  OE2 . GLU A 1 7  ? 11.965  -6.207 13.313  1.00 30.34 ? 6   GLU A OE2 1 
ATOM   58  N  N   . ASP A 1 8  ? 5.539   -3.689 13.070  1.00 22.63 ? 7   ASP A N   1 
ATOM   59  C  CA  . ASP A 1 8  ? 4.101   -3.771 12.828  1.00 24.45 ? 7   ASP A CA  1 
ATOM   60  C  C   . ASP A 1 8  ? 3.633   -2.558 12.020  1.00 25.66 ? 7   ASP A C   1 
ATOM   61  O  O   . ASP A 1 8  ? 2.783   -2.677 11.135  1.00 23.59 ? 7   ASP A O   1 
ATOM   62  C  CB  . ASP A 1 8  ? 3.317   -3.805 14.125  1.00 26.64 ? 7   ASP A CB  1 
ATOM   63  C  CG  . ASP A 1 8  ? 3.375   -5.158 14.818  1.00 29.34 ? 7   ASP A CG  1 
ATOM   64  O  OD1 . ASP A 1 8  ? 3.729   -6.159 14.171  1.00 30.57 ? 7   ASP A OD1 1 
ATOM   65  O  OD2 . ASP A 1 8  ? 3.026   -5.222 16.016  1.00 32.91 ? 7   ASP A OD2 1 
ATOM   66  N  N   . LYS A 1 9  ? 4.178   -1.388 12.343  1.00 23.06 ? 8   LYS A N   1 
ATOM   67  C  CA  . LYS A 1 9  ? 3.810   -0.170 11.621  1.00 23.51 ? 8   LYS A CA  1 
ATOM   68  C  C   . LYS A 1 9  ? 4.286   -0.284 10.173  1.00 23.00 ? 8   LYS A C   1 
ATOM   69  O  O   . LYS A 1 9  ? 3.582   0.135  9.258   1.00 24.67 ? 8   LYS A O   1 
ATOM   70  C  CB  . LYS A 1 9  ? 4.415   1.073  12.298  1.00 25.27 ? 8   LYS A CB  1 
ATOM   71  C  CG  . LYS A 1 9  ? 3.983   2.402  11.678  1.00 30.15 ? 8   LYS A CG  1 
ATOM   72  C  CD  . LYS A 1 9  ? 2.457   2.578  11.666  1.00 33.59 ? 8   LYS A CD  1 
ATOM   73  C  CE  . LYS A 1 9  ? 1.852   2.486  13.058  1.00 34.95 ? 8   LYS A CE  1 
ATOM   74  N  NZ  . LYS A 1 9  ? 0.365   2.667  13.014  1.00 37.57 ? 8   LYS A NZ  1 
ATOM   75  N  N   . ILE A 1 10 ? 5.482   -0.830 9.957   1.00 19.59 ? 9   ILE A N   1 
ATOM   76  C  CA  . ILE A 1 10 ? 5.979   -1.027 8.596   1.00 20.42 ? 9   ILE A CA  1 
ATOM   77  C  C   . ILE A 1 10 ? 5.045   -1.966 7.841   1.00 21.99 ? 9   ILE A C   1 
ATOM   78  O  O   . ILE A 1 10 ? 4.788   -1.783 6.637   1.00 20.86 ? 9   ILE A O   1 
ATOM   79  C  CB  . ILE A 1 10 ? 7.413   -1.578 8.627   1.00 21.66 ? 9   ILE A CB  1 
ATOM   80  C  CG1 . ILE A 1 10 ? 8.332   -0.437 9.082   1.00 22.01 ? 9   ILE A CG1 1 
ATOM   81  C  CG2 . ILE A 1 10 ? 7.807   -2.171 7.270   1.00 21.95 ? 9   ILE A CG2 1 
ATOM   82  C  CD1 . ILE A 1 10 ? 9.752   -0.859 9.354   1.00 25.87 ? 9   ILE A CD1 1 
ATOM   83  N  N   . GLU A 1 11 ? 4.529   -2.978 8.541   1.00 22.33 ? 10  GLU A N   1 
ATOM   84  C  CA  . GLU A 1 11 ? 3.583   -3.891 7.897   1.00 22.01 ? 10  GLU A CA  1 
ATOM   85  C  C   . GLU A 1 11 ? 2.360   -3.114 7.395   1.00 22.97 ? 10  GLU A C   1 
ATOM   86  O  O   . GLU A 1 11 ? 1.885   -3.323 6.273   1.00 22.76 ? 10  GLU A O   1 
ATOM   87  C  CB  . GLU A 1 11 ? 3.127   -4.988 8.878   1.00 24.22 ? 10  GLU A CB  1 
ATOM   88  C  CG  . GLU A 1 11 ? 4.166   -6.067 9.154   1.00 22.87 ? 10  GLU A CG  1 
ATOM   89  C  CD  . GLU A 1 11 ? 3.658   -7.121 10.140  1.00 24.58 ? 10  GLU A CD  1 
ATOM   90  O  OE1 . GLU A 1 11 ? 2.495   -7.022 10.583  1.00 24.91 ? 10  GLU A OE1 1 
ATOM   91  O  OE2 . GLU A 1 11 ? 4.424   -8.053 10.474  1.00 24.68 ? 10  GLU A OE2 1 
ATOM   92  N  N   . GLU A 1 12 ? 1.847   -2.218 8.230   1.00 22.60 ? 11  GLU A N   1 
ATOM   93  C  CA  . GLU A 1 12 ? 0.688   -1.420 7.871   1.00 23.80 ? 11  GLU A CA  1 
ATOM   94  C  C   . GLU A 1 12 ? 1.002   -0.511 6.678   1.00 22.28 ? 11  GLU A C   1 
ATOM   95  O  O   . GLU A 1 12 ? 0.191   -0.335 5.790   1.00 20.74 ? 11  GLU A O   1 
ATOM   96  C  CB  . GLU A 1 12 ? 0.241   -0.580 9.059   1.00 27.12 ? 11  GLU A CB  1 
ATOM   97  C  CG  . GLU A 1 12 ? -0.166  -1.406 10.255  1.00 34.02 ? 11  GLU A CG  1 
ATOM   98  C  CD  . GLU A 1 12 ? -0.596  -0.570 11.445  1.00 38.04 ? 11  GLU A CD  1 
ATOM   99  O  OE1 . GLU A 1 12 ? -0.782  0.657  11.306  1.00 43.09 ? 11  GLU A OE1 1 
ATOM   100 O  OE2 . GLU A 1 12 ? -0.761  -1.150 12.531  1.00 43.43 ? 11  GLU A OE2 1 
ATOM   101 N  N   . ILE A 1 13 ? 2.196   0.058  6.665   1.00 19.77 ? 12  ILE A N   1 
ATOM   102 C  CA  . ILE A 1 13 ? 2.607   0.931  5.572   1.00 18.23 ? 12  ILE A CA  1 
ATOM   103 C  C   . ILE A 1 13 ? 2.708   0.154  4.265   1.00 19.70 ? 12  ILE A C   1 
ATOM   104 O  O   . ILE A 1 13 ? 2.262   0.614  3.223   1.00 19.51 ? 12  ILE A O   1 
ATOM   105 C  CB  . ILE A 1 13 ? 3.969   1.603  5.913   1.00 18.68 ? 12  ILE A CB  1 
ATOM   106 C  CG1 . ILE A 1 13 ? 3.758   2.618  7.047   1.00 16.95 ? 12  ILE A CG1 1 
ATOM   107 C  CG2 . ILE A 1 13 ? 4.561   2.326  4.667   1.00 19.01 ? 12  ILE A CG2 1 
ATOM   108 C  CD1 . ILE A 1 13 ? 5.094   3.200  7.560   1.00 18.78 ? 12  ILE A CD1 1 
ATOM   109 N  N   . LEU A 1 14 ? 3.288   -1.042 4.317   1.00 18.93 ? 13  LEU A N   1 
ATOM   110 C  CA  . LEU A 1 14 ? 3.427   -1.837 3.108   1.00 20.23 ? 13  LEU A CA  1 
ATOM   111 C  C   . LEU A 1 14 ? 2.059   -2.233 2.558   1.00 19.64 ? 13  LEU A C   1 
ATOM   112 O  O   . LEU A 1 14 ? 1.847   -2.219 1.355   1.00 21.09 ? 13  LEU A O   1 
ATOM   113 C  CB  . LEU A 1 14 ? 4.256   -3.100 3.401   1.00 22.44 ? 13  LEU A CB  1 
ATOM   114 C  CG  . LEU A 1 14 ? 5.730   -2.823 3.740   1.00 21.28 ? 13  LEU A CG  1 
ATOM   115 C  CD1 . LEU A 1 14 ? 6.336   -4.081 4.391   1.00 23.78 ? 13  LEU A CD1 1 
ATOM   116 C  CD2 . LEU A 1 14 ? 6.493   -2.409 2.482   1.00 19.84 ? 13  LEU A CD2 1 
ATOM   117 N  N   . SER A 1 15 ? 1.143   -2.600 3.437   1.00 22.48 ? 14  SER A N   1 
ATOM   118 C  CA  . SER A 1 15 ? -0.180  -3.005 2.990   1.00 23.72 ? 14  SER A CA  1 
ATOM   119 C  C   . SER A 1 15 ? -0.876  -1.827 2.329   1.00 24.39 ? 14  SER A C   1 
ATOM   120 O  O   . SER A 1 15 ? -1.526  -1.965 1.291   1.00 23.41 ? 14  SER A O   1 
ATOM   121 C  CB  . SER A 1 15 ? -0.990  -3.507 4.168   1.00 28.00 ? 14  SER A CB  1 
ATOM   122 O  OG  . SER A 1 15 ? -0.335  -4.644 4.712   1.00 32.88 ? 14  SER A OG  1 
ATOM   123 N  N   . LYS A 1 16 ? -0.724  -0.653 2.917   1.00 21.51 ? 15  LYS A N   1 
ATOM   124 C  CA  . LYS A 1 16 ? -1.373  0.506  2.312   1.00 22.10 ? 15  LYS A CA  1 
ATOM   125 C  C   . LYS A 1 16 ? -0.724  0.850  0.963   1.00 21.16 ? 15  LYS A C   1 
ATOM   126 O  O   . LYS A 1 16 ? -1.396  1.258  0.014   1.00 21.77 ? 15  LYS A O   1 
ATOM   127 C  CB  . LYS A 1 16 ? -1.308  1.706  3.256   1.00 22.79 ? 15  LYS A CB  1 
ATOM   128 C  CG  . LYS A 1 16 ? -1.920  2.979  2.634   1.00 25.37 ? 15  LYS A CG  1 
ATOM   129 C  CD  . LYS A 1 16 ? -3.412  2.774  2.280   1.00 29.60 ? 15  LYS A CD  1 
ATOM   130 C  CE  . LYS A 1 16 ? -4.292  2.728  3.537   1.00 34.31 ? 15  LYS A CE  1 
ATOM   131 N  NZ  . LYS A 1 16 ? -5.713  2.367  3.184   1.00 38.68 ? 15  LYS A NZ  1 
ATOM   132 N  N   . GLN A 1 17 ? 0.590   0.712  0.875   1.00 18.74 ? 16  GLN A N   1 
ATOM   133 C  CA  . GLN A 1 17 ? 1.281   0.996  -0.375  1.00 20.38 ? 16  GLN A CA  1 
ATOM   134 C  C   . GLN A 1 17 ? 0.786   0.053  -1.499  1.00 20.65 ? 16  GLN A C   1 
ATOM   135 O  O   . GLN A 1 17 ? 0.595   0.448  -2.652  1.00 19.50 ? 16  GLN A O   1 
ATOM   136 C  CB  . GLN A 1 17 ? 2.784   0.829  -0.120  1.00 23.62 ? 16  GLN A CB  1 
ATOM   137 C  CG  . GLN A 1 17 ? 3.679   1.400  -1.158  1.00 25.11 ? 16  GLN A CG  1 
ATOM   138 C  CD  . GLN A 1 17 ? 5.105   1.543  -0.633  1.00 26.48 ? 16  GLN A CD  1 
ATOM   139 O  OE1 . GLN A 1 17 ? 5.818   0.559  -0.482  1.00 25.86 ? 16  GLN A OE1 1 
ATOM   140 N  NE2 . GLN A 1 17 ? 5.510   2.778  -0.321  1.00 24.86 ? 16  GLN A NE2 1 
ATOM   141 N  N   . TYR A 1 18 ? 0.555   -1.203 -1.160  1.00 19.01 ? 17  TYR A N   1 
ATOM   142 C  CA  . TYR A 1 18 ? 0.070   -2.170 -2.147  1.00 19.87 ? 17  TYR A CA  1 
ATOM   143 C  C   . TYR A 1 18 ? -1.333  -1.767 -2.610  1.00 19.79 ? 17  TYR A C   1 
ATOM   144 O  O   . TYR A 1 18 ? -1.646  -1.813 -3.807  1.00 21.18 ? 17  TYR A O   1 
ATOM   145 C  CB  . TYR A 1 18 ? 0.070   -3.567 -1.502  1.00 23.16 ? 17  TYR A CB  1 
ATOM   146 C  CG  . TYR A 1 18 ? -0.328  -4.710 -2.407  1.00 25.55 ? 17  TYR A CG  1 
ATOM   147 C  CD1 . TYR A 1 18 ? 0.516   -5.148 -3.429  1.00 29.13 ? 17  TYR A CD1 1 
ATOM   148 C  CD2 . TYR A 1 18 ? -1.527  -5.395 -2.203  1.00 28.30 ? 17  TYR A CD2 1 
ATOM   149 C  CE1 . TYR A 1 18 ? 0.172   -6.260 -4.230  1.00 29.90 ? 17  TYR A CE1 1 
ATOM   150 C  CE2 . TYR A 1 18 ? -1.875  -6.503 -2.992  1.00 29.36 ? 17  TYR A CE2 1 
ATOM   151 C  CZ  . TYR A 1 18 ? -1.030  -6.927 -3.994  1.00 30.26 ? 17  TYR A CZ  1 
ATOM   152 O  OH  . TYR A 1 18 ? -1.376  -8.022 -4.762  1.00 30.45 ? 17  TYR A OH  1 
ATOM   153 N  N   . HIS A 1 19 ? -2.154  -1.332 -1.668  1.00 18.89 ? 18  HIS A N   1 
ATOM   154 C  CA  . HIS A 1 19 ? -3.519  -0.890 -1.950  1.00 19.93 ? 18  HIS A CA  1 
ATOM   155 C  C   . HIS A 1 19 ? -3.476  0.337  -2.883  1.00 20.45 ? 18  HIS A C   1 
ATOM   156 O  O   . HIS A 1 19 ? -4.236  0.433  -3.835  1.00 19.71 ? 18  HIS A O   1 
ATOM   157 C  CB  . HIS A 1 19 ? -4.211  -0.506 -0.646  1.00 22.51 ? 18  HIS A CB  1 
ATOM   158 C  CG  . HIS A 1 19 ? -5.622  -0.029 -0.819  1.00 25.60 ? 18  HIS A CG  1 
ATOM   159 N  ND1 . HIS A 1 19 ? -6.657  -0.871 -1.162  1.00 26.75 ? 18  HIS A ND1 1 
ATOM   160 C  CD2 . HIS A 1 19 ? -6.165  1.211  -0.720  1.00 26.23 ? 18  HIS A CD2 1 
ATOM   161 C  CE1 . HIS A 1 19 ? -7.777  -0.175 -1.268  1.00 28.53 ? 18  HIS A CE1 1 
ATOM   162 N  NE2 . HIS A 1 19 ? -7.501  1.091  -1.005  1.00 26.56 ? 18  HIS A NE2 1 
ATOM   163 N  N   . ILE A 1 20 ? -2.597  1.282  -2.567  1.00 17.87 ? 19  ILE A N   1 
ATOM   164 C  CA  . ILE A 1 20 ? -2.444  2.484  -3.401  1.00 16.27 ? 19  ILE A CA  1 
ATOM   165 C  C   . ILE A 1 20 ? -2.028  2.096  -4.817  1.00 16.79 ? 19  ILE A C   1 
ATOM   166 O  O   . ILE A 1 20 ? -2.583  2.609  -5.781  1.00 16.59 ? 19  ILE A O   1 
ATOM   167 C  CB  . ILE A 1 20 ? -1.413  3.443  -2.765  1.00 16.75 ? 19  ILE A CB  1 
ATOM   168 C  CG1 . ILE A 1 20 ? -2.029  4.100  -1.521  1.00 17.34 ? 19  ILE A CG1 1 
ATOM   169 C  CG2 . ILE A 1 20 ? -0.960  4.480  -3.810  1.00 17.32 ? 19  ILE A CG2 1 
ATOM   170 C  CD1 . ILE A 1 20 ? -1.023  4.802  -0.602  1.00 19.22 ? 19  ILE A CD1 1 
ATOM   171 N  N   . GLU A 1 21 ? -1.084  1.165  -4.960  1.00 17.10 ? 20  GLU A N   1 
ATOM   172 C  CA  . GLU A 1 21 ? -0.637  0.737  -6.293  1.00 18.06 ? 20  GLU A CA  1 
ATOM   173 C  C   . GLU A 1 21 ? -1.795  0.100  -7.052  1.00 18.62 ? 20  GLU A C   1 
ATOM   174 O  O   . GLU A 1 21 ? -1.925  0.265  -8.260  1.00 16.83 ? 20  GLU A O   1 
ATOM   175 C  CB  . GLU A 1 21 ? 0.533   -0.272 -6.170  1.00 21.55 ? 20  GLU A CB  1 
ATOM   176 C  CG  . GLU A 1 21 ? 1.716   0.288  -5.370  1.00 26.99 ? 20  GLU A CG  1 
ATOM   177 C  CD  . GLU A 1 21 ? 2.736   -0.786 -4.949  1.00 32.73 ? 20  GLU A CD  1 
ATOM   178 O  OE1 . GLU A 1 21 ? 2.325   -1.919 -4.607  1.00 35.39 ? 20  GLU A OE1 1 
ATOM   179 O  OE2 . GLU A 1 21 ? 3.951   -0.485 -4.931  1.00 34.55 ? 20  GLU A OE2 1 
ATOM   180 N  N   . ASN A 1 22 ? -2.638  -0.647 -6.353  1.00 19.68 ? 21  ASN A N   1 
ATOM   181 C  CA  . ASN A 1 22 ? -3.783  -1.239 -7.030  1.00 21.49 ? 21  ASN A CA  1 
ATOM   182 C  C   . ASN A 1 22 ? -4.801  -0.153 -7.441  1.00 21.69 ? 21  ASN A C   1 
ATOM   183 O  O   . ASN A 1 22 ? -5.381  -0.230 -8.519  1.00 20.79 ? 21  ASN A O   1 
ATOM   184 C  CB  . ASN A 1 22 ? -4.420  -2.332 -6.162  1.00 25.65 ? 21  ASN A CB  1 
ATOM   185 C  CG  . ASN A 1 22 ? -3.524  -3.553 -6.059  1.00 30.12 ? 21  ASN A CG  1 
ATOM   186 O  OD1 . ASN A 1 22 ? -2.804  -3.878 -7.012  1.00 33.41 ? 21  ASN A OD1 1 
ATOM   187 N  ND2 . ASN A 1 22 ? -3.576  -4.253 -4.929  1.00 32.40 ? 21  ASN A ND2 1 
ATOM   188 N  N   . GLU A 1 23 ? -5.001  0.861  -6.606  1.00 20.21 ? 22  GLU A N   1 
ATOM   189 C  CA  . GLU A 1 23 ? -5.891  1.972  -6.969  1.00 20.95 ? 22  GLU A CA  1 
ATOM   190 C  C   . GLU A 1 23 ? -5.350  2.661  -8.234  1.00 18.43 ? 22  GLU A C   1 
ATOM   191 O  O   . GLU A 1 23 ? -6.099  3.009  -9.161  1.00 17.90 ? 22  GLU A O   1 
ATOM   192 C  CB  . GLU A 1 23 ? -5.957  3.008  -5.833  1.00 23.50 ? 22  GLU A CB  1 
ATOM   193 C  CG  . GLU A 1 23 ? -6.708  2.576  -4.590  1.00 28.67 ? 22  GLU A CG  1 
ATOM   194 C  CD  . GLU A 1 23 ? -6.773  3.688  -3.529  1.00 30.65 ? 22  GLU A CD  1 
ATOM   195 O  OE1 . GLU A 1 23 ? -5.740  4.006  -2.907  1.00 29.34 ? 22  GLU A OE1 1 
ATOM   196 O  OE2 . GLU A 1 23 ? -7.863  4.264  -3.338  1.00 32.59 ? 22  GLU A OE2 1 
ATOM   197 N  N   . ILE A 1 24 ? -4.040  2.889  -8.268  1.00 17.54 ? 23  ILE A N   1 
ATOM   198 C  CA  . ILE A 1 24 ? -3.430  3.530  -9.431  1.00 15.88 ? 23  ILE A CA  1 
ATOM   199 C  C   . ILE A 1 24 ? -3.608  2.671  -10.678 1.00 17.55 ? 23  ILE A C   1 
ATOM   200 O  O   . ILE A 1 24 ? -3.893  3.181  -11.751 1.00 17.32 ? 23  ILE A O   1 
ATOM   201 C  CB  . ILE A 1 24 ? -1.937  3.797  -9.168  1.00 16.29 ? 23  ILE A CB  1 
ATOM   202 C  CG1 . ILE A 1 24 ? -1.832  4.945  -8.155  1.00 17.21 ? 23  ILE A CG1 1 
ATOM   203 C  CG2 . ILE A 1 24 ? -1.198  4.112  -10.473 1.00 17.29 ? 23  ILE A CG2 1 
ATOM   204 C  CD1 . ILE A 1 24 ? -0.397  5.184  -7.682  1.00 20.61 ? 23  ILE A CD1 1 
ATOM   205 N  N   . ALA A 1 25 ? -3.449  1.362  -10.541 1.00 16.86 ? 24  ALA A N   1 
ATOM   206 C  CA  . ALA A 1 25 ? -3.645  0.469  -11.688 1.00 18.42 ? 24  ALA A CA  1 
ATOM   207 C  C   . ALA A 1 25 ? -5.074  0.565  -12.225 1.00 19.13 ? 24  ALA A C   1 
ATOM   208 O  O   . ALA A 1 25 ? -5.296  0.483  -13.445 1.00 20.71 ? 24  ALA A O   1 
ATOM   209 C  CB  . ALA A 1 25 ? -3.334  -0.987 -11.287 1.00 20.07 ? 24  ALA A CB  1 
ATOM   210 N  N   . ARG A 1 26 ? -6.041  0.703  -11.335 1.00 19.77 ? 25  ARG A N   1 
ATOM   211 C  CA  . ARG A 1 26 ? -7.440  0.833  -11.760 1.00 21.46 ? 25  ARG A CA  1 
ATOM   212 C  C   . ARG A 1 26 ? -7.682  2.147  -12.483 1.00 20.97 ? 25  ARG A C   1 
ATOM   213 O  O   . ARG A 1 26 ? -8.429  2.210  -13.454 1.00 20.56 ? 25  ARG A O   1 
ATOM   214 C  CB  . ARG A 1 26 ? -8.384  0.763  -10.575 1.00 22.37 ? 25  ARG A CB  1 
ATOM   215 C  CG  . ARG A 1 26 ? -8.345  -0.564 -9.882  1.00 23.65 ? 25  ARG A CG  1 
ATOM   216 C  CD  . ARG A 1 26 ? -9.498  -0.695 -8.923  1.00 28.08 ? 25  ARG A CD  1 
ATOM   217 N  NE  . ARG A 1 26 ? -9.423  -2.001 -8.295  1.00 30.54 ? 25  ARG A NE  1 
ATOM   218 C  CZ  . ARG A 1 26 ? -8.977  -2.213 -7.071  1.00 31.50 ? 25  ARG A CZ  1 
ATOM   219 N  NH1 . ARG A 1 26 ? -8.565  -1.190 -6.326  1.00 33.88 ? 25  ARG A NH1 1 
ATOM   220 N  NH2 . ARG A 1 26 ? -8.902  -3.460 -6.618  1.00 31.07 ? 25  ARG A NH2 1 
ATOM   221 N  N   . ILE A 1 27 ? -7.065  3.207  -11.989 1.00 19.13 ? 26  ILE A N   1 
ATOM   222 C  CA  . ILE A 1 27 ? -7.216  4.507  -12.621 1.00 20.07 ? 26  ILE A CA  1 
ATOM   223 C  C   . ILE A 1 27 ? -6.583  4.437  -14.000 1.00 19.50 ? 26  ILE A C   1 
ATOM   224 O  O   . ILE A 1 27 ? -7.170  4.897  -14.979 1.00 19.88 ? 26  ILE A O   1 
ATOM   225 C  CB  . ILE A 1 27 ? -6.548  5.602  -11.792 1.00 20.47 ? 26  ILE A CB  1 
ATOM   226 C  CG1 . ILE A 1 27 ? -7.304  5.750  -10.456 1.00 18.40 ? 26  ILE A CG1 1 
ATOM   227 C  CG2 . ILE A 1 27 ? -6.519  6.935  -12.588 1.00 18.19 ? 26  ILE A CG2 1 
ATOM   228 C  CD1 . ILE A 1 27 ? -6.629  6.674  -9.482  1.00 20.76 ? 26  ILE A CD1 1 
ATOM   229 N  N   . LYS A 1 28 ? -5.400  3.829  -14.105 1.00 19.69 ? 27  LYS A N   1 
ATOM   230 C  CA  . LYS A 1 28 ? -4.783  3.732  -15.424 1.00 21.28 ? 27  LYS A CA  1 
ATOM   231 C  C   . LYS A 1 28 ? -5.640  2.905  -16.393 1.00 22.19 ? 27  LYS A C   1 
ATOM   232 O  O   . LYS A 1 28 ? -5.727  3.217  -17.572 1.00 22.70 ? 27  LYS A O   1 
ATOM   233 C  CB  . LYS A 1 28 ? -3.375  3.157  -15.317 1.00 23.12 ? 27  LYS A CB  1 
ATOM   234 C  CG  . LYS A 1 28 ? -2.476  4.123  -14.561 1.00 23.53 ? 27  LYS A CG  1 
ATOM   235 C  CD  . LYS A 1 28 ? -0.994  3.905  -14.746 1.00 31.83 ? 27  LYS A CD  1 
ATOM   236 C  CE  . LYS A 1 28 ? -0.495  2.653  -14.122 1.00 34.64 ? 27  LYS A CE  1 
ATOM   237 N  NZ  . LYS A 1 28 ? 1.004   2.720  -14.071 1.00 33.94 ? 27  LYS A NZ  1 
ATOM   238 N  N   . LYS A 1 29 ? -6.277  1.862  -15.889 1.00 22.60 ? 28  LYS A N   1 
ATOM   239 C  CA  . LYS A 1 29 ? -7.127  1.031  -16.738 1.00 24.82 ? 28  LYS A CA  1 
ATOM   240 C  C   . LYS A 1 29 ? -8.349  1.825  -17.199 1.00 24.71 ? 28  LYS A C   1 
ATOM   241 O  O   . LYS A 1 29 ? -8.753  1.759  -18.371 1.00 24.07 ? 28  LYS A O   1 
ATOM   242 C  CB  . LYS A 1 29 ? -7.586  -0.208 -15.958 1.00 28.47 ? 28  LYS A CB  1 
ATOM   243 C  CG  . LYS A 1 29 ? -8.544  -1.149 -16.705 1.00 30.55 ? 28  LYS A CG  1 
ATOM   244 C  CD  . LYS A 1 29 ? -8.941  -2.321 -15.786 1.00 33.42 ? 28  LYS A CD  1 
ATOM   245 C  CE  . LYS A 1 29 ? -9.962  -3.266 -16.427 1.00 34.22 ? 28  LYS A CE  1 
ATOM   246 N  NZ  . LYS A 1 29 ? -10.410 -4.337 -15.463 1.00 30.53 ? 28  LYS A NZ  1 
ATOM   247 N  N   . LEU A 1 30 ? -8.928  2.589  -16.277 1.00 24.32 ? 29  LEU A N   1 
ATOM   248 C  CA  . LEU A 1 30 ? -10.129 3.359  -16.585 1.00 25.62 ? 29  LEU A CA  1 
ATOM   249 C  C   . LEU A 1 30 ? -9.869  4.397  -17.674 1.00 26.51 ? 29  LEU A C   1 
ATOM   250 O  O   . LEU A 1 30 ? -10.705 4.607  -18.555 1.00 26.41 ? 29  LEU A O   1 
ATOM   251 C  CB  . LEU A 1 30 ? -10.660 4.043  -15.318 1.00 26.85 ? 29  LEU A CB  1 
ATOM   252 C  CG  . LEU A 1 30 ? -12.034 4.724  -15.427 1.00 30.34 ? 29  LEU A CG  1 
ATOM   253 C  CD1 . LEU A 1 30 ? -13.108 3.657  -15.610 1.00 31.69 ? 29  LEU A CD1 1 
ATOM   254 C  CD2 . LEU A 1 30 ? -12.331 5.515  -14.159 1.00 34.31 ? 29  LEU A CD2 1 
ATOM   255 N  N   . ILE A 1 31 ? -8.705  5.038  -17.632 1.00 27.12 ? 30  ILE A N   1 
ATOM   256 C  CA  . ILE A 1 31 ? -8.378  6.054  -18.632 1.00 28.15 ? 30  ILE A CA  1 
ATOM   257 C  C   . ILE A 1 31 ? -7.636  5.444  -19.830 1.00 31.22 ? 30  ILE A C   1 
ATOM   258 O  O   . ILE A 1 31 ? -7.238  6.160  -20.757 1.00 32.66 ? 30  ILE A O   1 
ATOM   259 C  CB  . ILE A 1 31 ? -7.511  7.197  -18.015 1.00 29.33 ? 30  ILE A CB  1 
ATOM   260 C  CG1 . ILE A 1 31 ? -6.169  6.640  -17.546 1.00 26.84 ? 30  ILE A CG1 1 
ATOM   261 C  CG2 . ILE A 1 31 ? -8.248  7.835  -16.843 1.00 25.78 ? 30  ILE A CG2 1 
ATOM   262 C  CD1 . ILE A 1 31 ? -5.271  7.675  -16.861 1.00 30.04 ? 30  ILE A CD1 1 
ATOM   263 N  N   . GLY A 1 32 ? -7.456  4.127  -19.819 1.00 31.59 ? 31  GLY A N   1 
ATOM   264 C  CA  . GLY A 1 32 ? -6.776  3.473  -20.930 1.00 35.36 ? 31  GLY A CA  1 
ATOM   265 C  C   . GLY A 1 32 ? -7.691  3.106  -22.087 1.00 37.91 ? 31  GLY A C   1 
ATOM   266 O  O   . GLY A 1 32 ? -8.932  3.185  -21.920 1.00 38.59 ? 31  GLY A O   1 
ATOM   267 O  OXT . GLY A 1 32 ? -7.174  2.730  -23.176 1.00 40.90 ? 31  GLY A OXT 1 
HETATM 268 CL CL  . CL  B 2 .  ? 3.011   5.055  -0.152  0.33 24.42 ? 100 CL  A CL  1 
HETATM 269 O  O   . HOH C 3 .  ? 5.635   -4.875 21.124  1.00 41.89 ? 33  HOH A O   1 
HETATM 270 O  O   . HOH C 3 .  ? 11.136  -6.345 19.930  1.00 20.10 ? 34  HOH A O   1 
HETATM 271 O  O   . HOH C 3 .  ? 12.793  -3.799 20.604  1.00 37.96 ? 35  HOH A O   1 
HETATM 272 O  O   . HOH C 3 .  ? 5.198   5.162  15.021  1.00 57.54 ? 36  HOH A O   1 
HETATM 273 O  O   . HOH C 3 .  ? -5.954  -3.344 -10.271 1.00 40.71 ? 37  HOH A O   1 
HETATM 274 O  O   . HOH C 3 .  ? -11.593 -1.723 -12.052 1.00 60.54 ? 38  HOH A O   1 
HETATM 275 O  O   . HOH C 3 .  ? 5.869   -1.818 -1.460  1.00 41.81 ? 39  HOH A O   1 
HETATM 276 O  O   . HOH C 3 .  ? 8.372   -3.629 -0.705  1.00 48.27 ? 40  HOH A O   1 
HETATM 277 O  O   . HOH C 3 .  ? -0.602  -4.914 8.031   1.00 39.39 ? 41  HOH A O   1 
HETATM 278 O  O   . HOH C 3 .  ? 3.040   5.957  -14.840 1.00 30.54 ? 42  HOH A O   1 
HETATM 279 O  O   . HOH C 3 .  ? 0.237   -5.433 11.242  1.00 47.48 ? 43  HOH A O   1 
HETATM 280 O  O   . HOH C 3 .  ? -5.543  -7.534 -4.273  1.00 45.66 ? 44  HOH A O   1 
HETATM 281 O  O   . HOH C 3 .  ? -0.255  5.647  12.582  1.00 55.51 ? 45  HOH A O   1 
HETATM 282 O  O   . HOH C 3 .  ? 0.237   0.571  -9.946  1.00 27.49 ? 46  HOH A O   1 
HETATM 283 O  O   . HOH C 3 .  ? -0.460  -3.160 -8.978  1.00 62.41 ? 47  HOH A O   1 
HETATM 284 O  O   . HOH C 3 .  ? -3.654  -0.697 -14.981 1.00 28.74 ? 48  HOH A O   1 
HETATM 285 O  O   . HOH C 3 .  ? 5.202   -7.400 12.985  1.00 36.57 ? 49  HOH A O   1 
HETATM 286 O  O   . HOH C 3 .  ? 0.864   -7.215 7.283   1.00 29.70 ? 50  HOH A O   1 
HETATM 287 O  O   . HOH C 3 .  ? 1.778   -6.112 5.024   1.00 46.21 ? 51  HOH A O   1 
HETATM 288 O  O   . HOH C 3 .  ? -4.140  -0.913 3.976   1.00 60.30 ? 52  HOH A O   1 
HETATM 289 O  O   . HOH C 3 .  ? -2.486  -3.566 7.440   1.00 44.35 ? 53  HOH A O   1 
HETATM 290 O  O   . HOH C 3 .  ? -2.427  -1.062 6.037   1.00 36.65 ? 54  HOH A O   1 
HETATM 291 O  O   . HOH C 3 .  ? -8.847  2.252  2.302   1.00 50.79 ? 55  HOH A O   1 
HETATM 292 O  O   . HOH C 3 .  ? -5.466  5.817  -1.540  1.00 39.68 ? 56  HOH A O   1 
HETATM 293 O  O   . HOH C 3 .  ? -9.735  -3.490 -12.911 1.00 43.35 ? 57  HOH A O   1 
HETATM 294 O  O   . HOH C 3 .  ? 1.879   -2.482 20.614  1.00 63.74 ? 58  HOH A O   1 
HETATM 295 O  O   . HOH C 3 .  ? -0.685  -1.239 17.050  1.00 62.43 ? 59  HOH A O   1 
HETATM 296 O  O   . HOH C 3 .  ? -0.321  -8.038 -7.610  1.00 58.99 ? 60  HOH A O   1 
HETATM 297 O  O   . HOH C 3 .  ? 1.242   -6.806 1.959   0.50 40.29 ? 61  HOH A O   1 
HETATM 298 O  O   . HOH C 3 .  ? -10.759 3.688  -10.324 1.00 49.09 ? 62  HOH A O   1 
HETATM 299 O  O   . HOH C 3 .  ? -6.807  -2.413 -12.598 1.00 57.32 ? 63  HOH A O   1 
HETATM 300 O  O   . HOH C 3 .  ? 3.817   -3.125 -0.756  1.00 32.54 ? 64  HOH A O   1 
HETATM 301 O  O   . HOH C 3 .  ? 6.645   -7.389 21.886  1.00 50.62 ? 65  HOH A O   1 
HETATM 302 O  O   . HOH C 3 .  ? 3.003   -0.195 15.748  1.00 40.71 ? 66  HOH A O   1 
HETATM 303 O  O   . HOH C 3 .  ? 0.649   -0.921 14.476  1.00 49.89 ? 67  HOH A O   1 
HETATM 304 O  O   . HOH C 3 .  ? -6.162  3.942  9.465   1.00 66.50 ? 68  HOH A O   1 
HETATM 305 O  O   . HOH C 3 .  ? 3.243   -0.287 -13.158 1.00 55.53 ? 69  HOH A O   1 
HETATM 306 O  O   . HOH C 3 .  ? 0.199   0.554  -12.482 1.00 46.62 ? 70  HOH A O   1 
HETATM 307 O  O   . HOH C 3 .  ? -8.799  4.039  -8.069  1.00 43.29 ? 71  HOH A O   1 
HETATM 308 O  O   . HOH C 3 .  ? -3.560  4.249  -19.210 1.00 51.23 ? 72  HOH A O   1 
HETATM 309 O  O   . HOH C 3 .  ? -9.396  1.209  -24.121 1.00 62.57 ? 73  HOH A O   1 
HETATM 310 O  O   . HOH C 3 .  ? -6.910  1.623  -26.132 1.00 69.80 ? 74  HOH A O   1 
HETATM 311 O  O   . HOH C 3 .  ? -0.478  -3.334 -13.366 1.00 68.00 ? 75  HOH A O   1 
HETATM 312 O  O   . HOH C 3 .  ? 0.172   -0.051 -16.721 1.00 50.10 ? 78  HOH A O   1 
HETATM 313 O  O   . HOH C 3 .  ? 1.791   -1.952 -17.860 1.00 56.50 ? 79  HOH A O   1 
HETATM 314 O  O   . HOH C 3 .  ? -1.613  -4.668 -11.339 1.00 53.76 ? 80  HOH A O   1 
HETATM 315 O  O   . HOH C 3 .  ? -12.602 -0.314 -16.216 0.50 57.18 ? 82  HOH A O   1 
# 
